data_6NPH
#
_entry.id   6NPH
#
_cell.length_a   1
_cell.length_b   1
_cell.length_c   1
_cell.angle_alpha   90
_cell.angle_beta   90
_cell.angle_gamma   90
#
_symmetry.space_group_name_H-M   'P 1'
#
loop_
_entity.id
_entity.type
_entity.pdbx_description
1 polymer 'Solute carrier family 12 (sodium/potassium/chloride transporter), member 2'
2 non-polymer '(2S)-3-(hexadecanoyloxy)-2-[(9Z)-octadec-9-enoyloxy]propyl 2-(trimethylammonio)ethyl phosphate'
3 non-polymer 'POTASSIUM ION'
4 non-polymer 'CHLORIDE ION'
#
_entity_poly.entity_id   1
_entity_poly.type   'polypeptide(L)'
_entity_poly.pdbx_seq_one_letter_code
;KFGWIKGVLVRCMLNIWGVMLFIRMTWIVGQAGIAYSCIIVIMATVVTTITGCSTSAIATNGFVRGGGAYYLISRSLGPE
FGGSIGLIFAFANAVAVAMYVVGFAETVVELLMDSGLLMIDQTNDIRVIGTITVILLLGISVAGMEWEAKAQIFLLVILI
TAIFNYFIGSFIAVDSKKKFGFFSYDAGILAENFGPDFRGQTFFSVFSIFFPAATGILAGANISGDLADPQMAIPKGTLL
AILITGLVYVGVAISAGACIVRDATGIESNFTLISNCTDAACKYGYDFSSCRPTVEGEVSSCKFGLHNDFQVMSVVSGFS
PLISAGIFSATLSSALASLVSAPKVFQALCKDNIYPGIAIFGKGYGKNNEPLRGYFLTFGIALAFILIAELNVIAPIISN
FFLASYALINFSVFHASLANSPGWRPSFKYYNMWASLAGAILCCVVMFIINWWAALLTNVIVLSLYIYVSYK
;
_entity_poly.pdbx_strand_id   A,B
#
loop_
_chem_comp.id
_chem_comp.type
_chem_comp.name
_chem_comp.formula
CL non-polymer 'CHLORIDE ION' 'Cl -1'
K non-polymer 'POTASSIUM ION' 'K 1'
POV non-polymer '(2S)-3-(hexadecanoyloxy)-2-[(9Z)-octadec-9-enoyloxy]propyl 2-(trimethylammonio)ethyl phosphate' 'C42 H82 N O8 P'
#
# COMPACT_ATOMS: atom_id res chain seq x y z
N LYS A 1 -13.04 42.29 14.22
CA LYS A 1 -13.49 41.43 13.14
C LYS A 1 -12.88 41.85 11.83
N PHE A 2 -12.43 40.88 11.04
CA PHE A 2 -11.80 41.15 9.76
C PHE A 2 -12.79 40.96 8.62
N GLY A 3 -12.51 41.63 7.50
CA GLY A 3 -13.21 41.39 6.27
C GLY A 3 -12.74 40.11 5.60
N TRP A 4 -13.30 39.84 4.43
CA TRP A 4 -12.92 38.63 3.74
C TRP A 4 -11.57 38.74 3.06
N ILE A 5 -11.13 39.95 2.72
CA ILE A 5 -9.83 40.11 2.09
C ILE A 5 -8.72 39.96 3.12
N LYS A 6 -8.71 40.82 4.13
CA LYS A 6 -7.62 40.88 5.08
C LYS A 6 -7.62 39.71 6.05
N GLY A 7 -8.74 39.01 6.18
CA GLY A 7 -8.84 37.95 7.15
C GLY A 7 -8.77 36.56 6.58
N VAL A 8 -9.14 36.39 5.33
CA VAL A 8 -9.12 35.09 4.67
C VAL A 8 -8.15 35.08 3.49
N LEU A 9 -8.23 36.08 2.62
CA LEU A 9 -7.50 36.03 1.36
C LEU A 9 -6.00 36.22 1.58
N VAL A 10 -5.63 37.20 2.40
CA VAL A 10 -4.22 37.47 2.66
C VAL A 10 -3.62 36.35 3.51
N ARG A 11 -4.39 35.80 4.44
CA ARG A 11 -3.94 34.68 5.25
C ARG A 11 -3.69 33.43 4.41
N CYS A 12 -4.62 33.09 3.52
CA CYS A 12 -4.44 31.90 2.70
C CYS A 12 -3.34 32.09 1.67
N MET A 13 -3.19 33.29 1.10
CA MET A 13 -2.11 33.51 0.14
C MET A 13 -0.75 33.55 0.81
N LEU A 14 -0.69 33.94 2.08
CA LEU A 14 0.60 33.90 2.76
C LEU A 14 0.93 32.52 3.26
N ASN A 15 -0.08 31.70 3.59
CA ASN A 15 0.23 30.34 4.01
C ASN A 15 0.55 29.44 2.82
N ILE A 16 -0.07 29.67 1.67
CA ILE A 16 0.14 28.79 0.52
C ILE A 16 1.51 29.04 -0.10
N TRP A 17 1.86 30.30 -0.34
CA TRP A 17 3.16 30.62 -0.91
C TRP A 17 4.24 30.42 0.13
N GLY A 18 5.11 29.43 -0.09
CA GLY A 18 6.08 29.04 0.90
C GLY A 18 7.46 28.73 0.36
N VAL A 19 7.95 27.52 0.64
CA VAL A 19 9.31 27.14 0.26
C VAL A 19 9.40 26.93 -1.24
N MET A 20 8.51 26.13 -1.80
CA MET A 20 8.68 25.63 -3.16
C MET A 20 8.48 26.67 -4.24
N LEU A 21 8.06 27.89 -3.90
CA LEU A 21 7.82 28.90 -4.92
C LEU A 21 9.13 29.42 -5.50
N PHE A 22 10.10 29.72 -4.65
CA PHE A 22 11.36 30.27 -5.12
C PHE A 22 12.50 29.27 -5.10
N ILE A 23 12.43 28.25 -4.25
CA ILE A 23 13.51 27.29 -4.12
C ILE A 23 13.37 26.16 -5.12
N ARG A 24 12.20 25.53 -5.21
CA ARG A 24 12.09 24.23 -5.87
C ARG A 24 11.03 24.20 -6.97
N MET A 25 10.72 25.32 -7.61
CA MET A 25 9.86 25.22 -8.79
C MET A 25 10.68 24.91 -10.03
N THR A 26 11.81 25.59 -10.18
CA THR A 26 12.68 25.38 -11.34
C THR A 26 13.28 23.99 -11.35
N TRP A 27 13.54 23.41 -10.18
CA TRP A 27 13.98 22.02 -10.12
C TRP A 27 12.87 21.07 -10.57
N ILE A 28 11.62 21.44 -10.35
CA ILE A 28 10.50 20.58 -10.76
C ILE A 28 10.30 20.67 -12.26
N VAL A 29 10.53 21.85 -12.85
CA VAL A 29 10.53 21.93 -14.30
C VAL A 29 11.79 21.26 -14.88
N GLY A 30 12.85 21.15 -14.09
CA GLY A 30 14.03 20.46 -14.58
C GLY A 30 13.87 18.96 -14.62
N GLN A 31 13.33 18.37 -13.54
CA GLN A 31 13.16 16.93 -13.47
C GLN A 31 12.07 16.46 -14.42
N ALA A 32 10.84 16.95 -14.25
CA ALA A 32 9.77 16.66 -15.18
C ALA A 32 9.90 17.58 -16.40
N GLY A 33 8.85 17.65 -17.21
CA GLY A 33 8.83 18.58 -18.32
C GLY A 33 8.12 19.86 -17.94
N ILE A 34 7.80 20.65 -18.96
CA ILE A 34 6.81 21.71 -18.77
C ILE A 34 5.42 21.10 -18.70
N ALA A 35 5.16 20.10 -19.53
CA ALA A 35 3.85 19.47 -19.60
C ALA A 35 3.52 18.70 -18.33
N TYR A 36 4.47 17.90 -17.85
CA TYR A 36 4.22 17.13 -16.64
C TYR A 36 4.14 18.01 -15.40
N SER A 37 4.90 19.10 -15.35
CA SER A 37 4.79 19.99 -14.20
C SER A 37 3.47 20.76 -14.21
N CYS A 38 2.96 21.10 -15.39
CA CYS A 38 1.63 21.72 -15.45
C CYS A 38 0.54 20.72 -15.06
N ILE A 39 0.72 19.45 -15.42
CA ILE A 39 -0.21 18.41 -14.98
C ILE A 39 -0.16 18.23 -13.46
N ILE A 40 1.05 18.36 -12.88
CA ILE A 40 1.22 18.28 -11.43
C ILE A 40 0.50 19.43 -10.72
N VAL A 41 0.66 20.64 -11.23
CA VAL A 41 0.01 21.81 -10.63
C VAL A 41 -1.50 21.72 -10.76
N ILE A 42 -2.00 21.22 -11.90
CA ILE A 42 -3.43 21.08 -12.09
C ILE A 42 -4.01 19.98 -11.19
N MET A 43 -3.25 18.92 -10.93
CA MET A 43 -3.72 17.88 -10.00
C MET A 43 -3.77 18.38 -8.57
N ALA A 44 -2.77 19.12 -8.13
CA ALA A 44 -2.78 19.67 -6.78
C ALA A 44 -3.88 20.72 -6.62
N THR A 45 -4.15 21.50 -7.67
CA THR A 45 -5.25 22.45 -7.65
C THR A 45 -6.61 21.76 -7.64
N VAL A 46 -6.73 20.60 -8.30
CA VAL A 46 -7.99 19.86 -8.27
C VAL A 46 -8.26 19.32 -6.86
N VAL A 47 -7.24 18.76 -6.22
CA VAL A 47 -7.36 18.26 -4.85
C VAL A 47 -7.73 19.39 -3.89
N THR A 48 -7.04 20.52 -3.99
CA THR A 48 -7.33 21.61 -3.05
C THR A 48 -8.63 22.34 -3.38
N THR A 49 -9.10 22.30 -4.63
CA THR A 49 -10.38 22.91 -4.94
C THR A 49 -11.53 22.07 -4.40
N ILE A 50 -11.41 20.75 -4.50
CA ILE A 50 -12.43 19.88 -3.91
C ILE A 50 -12.44 19.99 -2.39
N THR A 51 -11.26 20.08 -1.78
CA THR A 51 -11.21 20.26 -0.33
C THR A 51 -11.68 21.64 0.10
N GLY A 52 -11.51 22.66 -0.75
CA GLY A 52 -12.04 23.97 -0.44
C GLY A 52 -13.55 24.02 -0.54
N CYS A 53 -14.13 23.29 -1.49
CA CYS A 53 -15.59 23.18 -1.54
C CYS A 53 -16.14 22.42 -0.35
N SER A 54 -15.42 21.39 0.11
CA SER A 54 -15.86 20.68 1.31
C SER A 54 -15.76 21.54 2.57
N THR A 55 -14.69 22.33 2.67
CA THR A 55 -14.54 23.24 3.81
C THR A 55 -15.61 24.33 3.78
N SER A 56 -15.96 24.81 2.59
CA SER A 56 -17.03 25.78 2.48
C SER A 56 -18.39 25.19 2.82
N ALA A 57 -18.60 23.91 2.48
CA ALA A 57 -19.82 23.24 2.88
C ALA A 57 -19.90 23.05 4.39
N ILE A 58 -18.77 22.85 5.07
CA ILE A 58 -18.79 22.83 6.52
C ILE A 58 -19.07 24.23 7.06
N ALA A 59 -18.43 25.25 6.49
CA ALA A 59 -18.52 26.59 7.03
C ALA A 59 -19.87 27.26 6.79
N THR A 60 -20.67 26.78 5.85
CA THR A 60 -22.00 27.33 5.63
C THR A 60 -23.10 26.52 6.31
N ASN A 61 -22.76 25.70 7.28
CA ASN A 61 -23.75 24.87 7.98
C ASN A 61 -24.16 25.51 9.30
N GLY A 62 -24.68 26.73 9.23
CA GLY A 62 -25.01 27.47 10.44
C GLY A 62 -23.75 27.83 11.22
N PHE A 63 -23.91 27.93 12.55
CA PHE A 63 -22.81 27.97 13.54
C PHE A 63 -21.85 29.14 13.28
N VAL A 64 -22.37 30.36 13.41
CA VAL A 64 -21.56 31.53 13.12
C VAL A 64 -20.56 31.79 14.23
N ARG A 65 -21.05 32.10 15.43
CA ARG A 65 -20.23 32.65 16.48
C ARG A 65 -19.42 31.55 17.18
N GLY A 66 -18.25 31.95 17.67
CA GLY A 66 -17.37 31.04 18.38
C GLY A 66 -16.73 30.02 17.47
N GLY A 67 -15.87 30.46 16.56
CA GLY A 67 -15.33 29.60 15.53
C GLY A 67 -13.94 29.07 15.80
N GLY A 68 -13.30 28.66 14.73
CA GLY A 68 -12.07 27.90 14.78
C GLY A 68 -12.09 26.86 13.68
N ALA A 69 -10.99 26.11 13.58
CA ALA A 69 -10.94 25.05 12.59
C ALA A 69 -11.51 23.76 13.14
N TYR A 70 -11.14 23.42 14.37
CA TYR A 70 -11.65 22.21 14.99
C TYR A 70 -13.13 22.35 15.35
N TYR A 71 -13.57 23.56 15.67
CA TYR A 71 -14.92 23.76 16.18
C TYR A 71 -15.97 23.48 15.11
N LEU A 72 -15.76 24.02 13.91
CA LEU A 72 -16.72 23.83 12.82
C LEU A 72 -16.82 22.38 12.40
N ILE A 73 -15.68 21.69 12.30
CA ILE A 73 -15.66 20.30 11.88
C ILE A 73 -16.30 19.42 12.94
N SER A 74 -15.94 19.62 14.21
CA SER A 74 -16.46 18.76 15.25
C SER A 74 -17.90 19.06 15.61
N ARG A 75 -18.43 20.22 15.22
CA ARG A 75 -19.81 20.53 15.54
C ARG A 75 -20.76 20.26 14.39
N SER A 76 -20.30 20.37 13.14
CA SER A 76 -21.14 19.97 12.02
C SER A 76 -21.18 18.45 11.87
N LEU A 77 -20.01 17.83 11.87
CA LEU A 77 -19.90 16.38 11.85
C LEU A 77 -19.75 15.90 13.29
N GLY A 78 -19.46 14.62 13.48
CA GLY A 78 -19.42 14.09 14.82
C GLY A 78 -18.09 14.34 15.50
N PRO A 79 -17.94 13.77 16.69
CA PRO A 79 -16.63 13.80 17.33
C PRO A 79 -15.67 12.75 16.81
N GLU A 80 -16.17 11.70 16.15
CA GLU A 80 -15.30 10.64 15.65
C GLU A 80 -14.47 11.11 14.48
N PHE A 81 -15.08 11.82 13.54
CA PHE A 81 -14.31 12.42 12.47
C PHE A 81 -13.58 13.66 12.95
N GLY A 82 -14.18 14.41 13.87
CA GLY A 82 -13.59 15.67 14.29
C GLY A 82 -12.31 15.50 15.06
N GLY A 83 -12.25 14.52 15.96
CA GLY A 83 -11.04 14.29 16.72
C GLY A 83 -9.89 13.78 15.88
N SER A 84 -10.19 12.89 14.93
CA SER A 84 -9.14 12.37 14.06
C SER A 84 -8.63 13.43 13.09
N ILE A 85 -9.53 14.26 12.54
CA ILE A 85 -9.11 15.37 11.69
C ILE A 85 -8.27 16.37 12.48
N GLY A 86 -8.68 16.67 13.71
CA GLY A 86 -7.90 17.54 14.57
C GLY A 86 -6.52 17.03 14.91
N LEU A 87 -6.39 15.73 15.21
CA LEU A 87 -5.08 15.17 15.53
C LEU A 87 -4.16 15.12 14.32
N ILE A 88 -4.67 14.67 13.16
CA ILE A 88 -3.85 14.57 11.97
C ILE A 88 -3.47 15.95 11.45
N PHE A 89 -4.37 16.93 11.57
CA PHE A 89 -4.08 18.28 11.12
C PHE A 89 -3.09 18.97 12.05
N ALA A 90 -3.19 18.73 13.36
CA ALA A 90 -2.21 19.28 14.30
C ALA A 90 -0.83 18.72 14.05
N PHE A 91 -0.74 17.40 13.80
CA PHE A 91 0.57 16.82 13.50
C PHE A 91 1.12 17.29 12.17
N ALA A 92 0.24 17.52 11.18
CA ALA A 92 0.68 17.97 9.87
C ALA A 92 1.26 19.37 9.93
N ASN A 93 0.63 20.28 10.67
CA ASN A 93 1.21 21.61 10.80
C ASN A 93 2.47 21.61 11.65
N ALA A 94 2.50 20.77 12.69
CA ALA A 94 3.68 20.69 13.55
C ALA A 94 4.88 20.16 12.80
N VAL A 95 4.69 19.26 11.84
CA VAL A 95 5.80 18.79 11.04
C VAL A 95 6.08 19.72 9.85
N ALA A 96 5.11 20.52 9.41
CA ALA A 96 5.34 21.45 8.32
C ALA A 96 6.21 22.62 8.74
N VAL A 97 6.16 22.99 10.02
CA VAL A 97 7.08 24.00 10.58
C VAL A 97 8.54 23.67 10.26
N ALA A 98 8.91 22.40 10.39
CA ALA A 98 10.27 21.97 10.10
C ALA A 98 10.61 22.11 8.63
N MET A 99 9.65 21.84 7.73
CA MET A 99 9.91 21.97 6.30
C MET A 99 10.17 23.41 5.90
N TYR A 100 9.37 24.33 6.45
CA TYR A 100 9.56 25.75 6.12
C TYR A 100 10.86 26.29 6.69
N VAL A 101 11.21 25.94 7.93
CA VAL A 101 12.45 26.50 8.45
C VAL A 101 13.69 25.78 7.91
N VAL A 102 13.56 24.54 7.41
CA VAL A 102 14.69 23.91 6.74
C VAL A 102 14.92 24.56 5.38
N GLY A 103 13.85 24.94 4.68
CA GLY A 103 14.02 25.71 3.46
C GLY A 103 14.68 27.07 3.68
N PHE A 104 14.27 27.75 4.76
CA PHE A 104 14.90 29.02 5.13
C PHE A 104 16.37 28.84 5.46
N ALA A 105 16.70 27.82 6.24
CA ALA A 105 18.08 27.59 6.63
C ALA A 105 18.94 27.20 5.45
N GLU A 106 18.38 26.46 4.50
CA GLU A 106 19.13 26.08 3.30
C GLU A 106 19.43 27.30 2.44
N THR A 107 18.48 28.23 2.34
CA THR A 107 18.74 29.48 1.62
C THR A 107 19.82 30.32 2.29
N VAL A 108 19.78 30.41 3.62
CA VAL A 108 20.79 31.19 4.35
C VAL A 108 22.16 30.53 4.25
N VAL A 109 22.20 29.20 4.24
CA VAL A 109 23.48 28.49 4.14
C VAL A 109 24.09 28.66 2.75
N GLU A 110 23.27 28.61 1.70
CA GLU A 110 23.80 28.86 0.36
C GLU A 110 24.23 30.30 0.17
N LEU A 111 23.55 31.25 0.81
CA LEU A 111 24.00 32.63 0.76
C LEU A 111 25.31 32.83 1.52
N LEU A 112 25.53 32.07 2.58
CA LEU A 112 26.80 32.15 3.30
C LEU A 112 27.92 31.50 2.50
N MET A 113 27.64 30.38 1.85
CA MET A 113 28.66 29.69 1.07
C MET A 113 28.99 30.42 -0.22
N ASP A 114 28.10 31.28 -0.72
CA ASP A 114 28.50 32.16 -1.82
C ASP A 114 29.53 33.19 -1.36
N SER A 115 29.52 33.54 -0.07
CA SER A 115 30.59 34.30 0.56
C SER A 115 31.60 33.32 1.15
N GLY A 116 32.47 33.78 2.03
CA GLY A 116 33.41 32.88 2.65
C GLY A 116 32.98 32.30 3.99
N LEU A 117 31.80 32.64 4.48
CA LEU A 117 31.35 32.19 5.78
C LEU A 117 30.93 30.72 5.72
N LEU A 118 31.67 29.86 6.42
CA LEU A 118 31.38 28.43 6.42
C LEU A 118 31.95 27.84 7.70
N MET A 119 31.07 27.49 8.64
CA MET A 119 31.52 26.99 9.94
C MET A 119 31.82 25.49 9.91
N ILE A 120 30.80 24.68 9.61
CA ILE A 120 30.92 23.23 9.50
C ILE A 120 30.47 22.89 8.08
N ASP A 121 30.31 21.59 7.79
CA ASP A 121 29.83 21.15 6.49
C ASP A 121 28.41 21.68 6.19
N GLN A 122 27.99 21.48 4.94
CA GLN A 122 26.78 22.14 4.46
C GLN A 122 25.53 21.57 5.11
N THR A 123 25.50 20.27 5.35
CA THR A 123 24.33 19.67 5.99
C THR A 123 24.32 19.86 7.50
N ASN A 124 25.42 20.30 8.10
CA ASN A 124 25.43 20.60 9.53
C ASN A 124 25.20 22.07 9.83
N ASP A 125 25.40 22.94 8.84
CA ASP A 125 25.06 24.34 9.02
C ASP A 125 23.55 24.57 8.93
N ILE A 126 22.85 23.71 8.20
CA ILE A 126 21.39 23.76 8.18
C ILE A 126 20.82 23.34 9.53
N ARG A 127 21.48 22.38 10.19
CA ARG A 127 21.05 21.98 11.53
C ARG A 127 21.29 23.07 12.55
N VAL A 128 22.34 23.88 12.36
CA VAL A 128 22.64 24.93 13.32
C VAL A 128 21.75 26.14 13.09
N ILE A 129 21.67 26.62 11.85
CA ILE A 129 20.85 27.78 11.52
C ILE A 129 19.37 27.45 11.65
N GLY A 130 18.99 26.21 11.34
CA GLY A 130 17.61 25.81 11.51
C GLY A 130 17.17 25.69 12.96
N THR A 131 18.11 25.41 13.86
CA THR A 131 17.78 25.35 15.28
C THR A 131 17.61 26.75 15.87
N ILE A 132 18.45 27.69 15.45
CA ILE A 132 18.34 29.06 15.95
C ILE A 132 17.06 29.72 15.46
N THR A 133 16.66 29.42 14.23
CA THR A 133 15.49 30.07 13.66
C THR A 133 14.17 29.43 14.07
N VAL A 134 14.20 28.35 14.83
CA VAL A 134 12.96 27.79 15.38
C VAL A 134 12.84 28.05 16.88
N ILE A 135 13.92 28.40 17.57
CA ILE A 135 13.78 28.90 18.93
C ILE A 135 13.60 30.41 18.95
N LEU A 136 13.81 31.09 17.83
CA LEU A 136 13.42 32.49 17.70
C LEU A 136 12.01 32.64 17.17
N LEU A 137 11.56 31.69 16.35
CA LEU A 137 10.17 31.68 15.92
C LEU A 137 9.25 31.27 17.06
N LEU A 138 9.77 30.53 18.04
CA LEU A 138 8.97 30.18 19.21
C LEU A 138 8.76 31.39 20.11
N GLY A 139 9.76 32.28 20.19
CA GLY A 139 9.62 33.44 21.05
C GLY A 139 8.62 34.45 20.52
N ILE A 140 8.52 34.57 19.20
CA ILE A 140 7.54 35.46 18.59
C ILE A 140 6.13 34.95 18.84
N SER A 141 5.95 33.64 18.83
CA SER A 141 4.62 33.07 18.97
C SER A 141 4.06 33.19 20.38
N VAL A 142 4.91 33.31 21.39
CA VAL A 142 4.46 33.45 22.77
C VAL A 142 4.76 34.81 23.35
N ALA A 143 5.35 35.72 22.58
CA ALA A 143 5.55 37.06 23.12
C ALA A 143 5.25 38.20 22.16
N GLY A 144 5.02 37.95 20.87
CA GLY A 144 4.88 39.04 19.92
C GLY A 144 3.76 38.87 18.93
N MET A 145 2.66 38.25 19.36
CA MET A 145 1.55 37.94 18.46
C MET A 145 0.73 39.17 18.06
N GLU A 146 0.91 40.30 18.74
CA GLU A 146 0.12 41.47 18.43
C GLU A 146 0.56 42.14 17.13
N TRP A 147 1.86 42.22 16.90
CA TRP A 147 2.40 42.89 15.71
C TRP A 147 2.22 42.04 14.46
N GLU A 148 2.04 40.74 14.62
CA GLU A 148 1.95 39.82 13.49
C GLU A 148 0.68 40.03 12.69
N ALA A 149 -0.38 40.55 13.31
CA ALA A 149 -1.59 40.86 12.58
C ALA A 149 -1.42 42.09 11.70
N LYS A 150 -0.46 42.95 12.00
CA LYS A 150 -0.18 44.10 11.16
C LYS A 150 0.91 43.83 10.13
N ALA A 151 1.82 42.90 10.44
CA ALA A 151 2.96 42.65 9.57
C ALA A 151 2.63 41.84 8.32
N GLN A 152 1.42 41.27 8.23
CA GLN A 152 1.18 40.34 7.14
C GLN A 152 0.95 41.03 5.81
N ILE A 153 0.44 42.27 5.81
CA ILE A 153 0.31 42.99 4.56
C ILE A 153 1.69 43.45 4.07
N PHE A 154 2.60 43.64 5.03
CA PHE A 154 3.99 43.98 4.71
C PHE A 154 4.62 42.78 4.01
N LEU A 155 4.46 41.59 4.60
CA LEU A 155 4.99 40.36 4.05
C LEU A 155 4.43 40.07 2.65
N LEU A 156 3.15 40.37 2.44
CA LEU A 156 2.55 40.13 1.14
C LEU A 156 3.06 41.10 0.08
N VAL A 157 3.29 42.38 0.45
CA VAL A 157 3.84 43.29 -0.54
C VAL A 157 5.34 43.11 -0.73
N ILE A 158 6.02 42.39 0.16
CA ILE A 158 7.38 41.95 -0.18
C ILE A 158 7.33 40.80 -1.17
N LEU A 159 6.43 39.84 -0.93
CA LEU A 159 6.36 38.63 -1.74
C LEU A 159 5.91 38.92 -3.18
N ILE A 160 4.91 39.77 -3.34
CA ILE A 160 4.43 40.06 -4.70
C ILE A 160 5.44 40.90 -5.47
N THR A 161 6.22 41.74 -4.78
CA THR A 161 7.31 42.43 -5.47
C THR A 161 8.43 41.48 -5.87
N ALA A 162 8.66 40.43 -5.07
CA ALA A 162 9.62 39.40 -5.49
C ALA A 162 9.15 38.67 -6.75
N ILE A 163 7.86 38.32 -6.81
CA ILE A 163 7.31 37.63 -7.98
C ILE A 163 7.37 38.52 -9.22
N PHE A 164 7.04 39.79 -9.08
CA PHE A 164 7.13 40.70 -10.21
C PHE A 164 8.58 40.96 -10.62
N ASN A 165 9.50 40.94 -9.67
CA ASN A 165 10.92 41.07 -9.98
C ASN A 165 11.40 39.93 -10.84
N TYR A 166 11.01 38.70 -10.49
CA TYR A 166 11.38 37.54 -11.32
C TYR A 166 10.75 37.63 -12.70
N PHE A 167 9.46 37.95 -12.77
CA PHE A 167 8.76 37.90 -14.05
C PHE A 167 9.17 39.03 -14.99
N ILE A 168 9.61 40.18 -14.47
CA ILE A 168 10.14 41.19 -15.37
C ILE A 168 11.63 41.05 -15.58
N GLY A 169 12.34 40.27 -14.75
CA GLY A 169 13.71 39.98 -15.06
C GLY A 169 13.90 38.88 -16.07
N SER A 170 12.84 38.08 -16.29
CA SER A 170 12.92 37.06 -17.34
C SER A 170 13.06 37.66 -18.73
N PHE A 171 12.43 38.79 -18.99
CA PHE A 171 12.43 39.39 -20.32
C PHE A 171 13.70 40.15 -20.64
N ILE A 172 14.58 40.37 -19.66
CA ILE A 172 15.78 41.17 -19.87
C ILE A 172 16.92 40.21 -20.16
N ALA A 173 17.31 40.13 -21.43
CA ALA A 173 18.40 39.25 -21.84
C ALA A 173 19.73 39.91 -21.47
N VAL A 174 20.42 39.35 -20.50
CA VAL A 174 21.73 39.84 -20.07
C VAL A 174 22.77 38.81 -20.51
N ASP A 175 23.82 39.30 -21.18
CA ASP A 175 24.87 38.40 -21.66
C ASP A 175 25.72 37.84 -20.54
N SER A 176 25.76 38.50 -19.38
CA SER A 176 26.49 37.97 -18.25
C SER A 176 25.75 36.84 -17.55
N LYS A 177 24.43 36.79 -17.67
CA LYS A 177 23.65 35.75 -17.02
C LYS A 177 23.68 34.44 -17.78
N LYS A 178 24.01 34.46 -19.07
CA LYS A 178 24.45 33.25 -19.74
C LYS A 178 25.71 32.73 -19.07
N LYS A 179 25.95 31.42 -19.25
CA LYS A 179 26.83 30.47 -18.57
C LYS A 179 26.26 30.03 -17.23
N PHE A 180 25.19 30.64 -16.75
CA PHE A 180 24.41 30.07 -15.65
C PHE A 180 23.11 29.48 -16.15
N GLY A 181 23.06 29.07 -17.40
CA GLY A 181 21.77 28.91 -18.05
C GLY A 181 21.25 30.29 -18.38
N PHE A 182 19.93 30.41 -18.46
CA PHE A 182 19.20 31.65 -18.67
C PHE A 182 19.60 32.41 -19.93
N PHE A 183 19.15 31.94 -21.07
CA PHE A 183 19.06 32.78 -22.24
C PHE A 183 17.72 33.49 -22.18
N SER A 184 17.30 34.14 -23.27
CA SER A 184 16.03 34.86 -23.27
C SER A 184 14.87 33.87 -23.41
N TYR A 185 13.67 34.38 -23.65
CA TYR A 185 12.58 33.51 -24.04
C TYR A 185 12.84 32.97 -25.44
N ASP A 186 13.06 31.68 -25.54
CA ASP A 186 13.47 31.06 -26.79
C ASP A 186 12.57 29.88 -27.10
N ALA A 187 12.40 29.60 -28.39
CA ALA A 187 11.60 28.46 -28.79
C ALA A 187 12.37 27.16 -28.71
N GLY A 188 13.70 27.21 -28.87
CA GLY A 188 14.49 26.00 -28.78
C GLY A 188 14.56 25.46 -27.37
N ILE A 189 14.68 26.34 -26.39
CA ILE A 189 14.70 25.93 -24.99
C ILE A 189 13.32 25.47 -24.56
N LEU A 190 12.26 26.07 -25.11
CA LEU A 190 10.90 25.63 -24.82
C LEU A 190 10.62 24.25 -25.38
N ALA A 191 11.11 23.96 -26.58
CA ALA A 191 10.94 22.62 -27.13
C ALA A 191 11.82 21.59 -26.46
N GLU A 192 13.01 21.99 -26.01
CA GLU A 192 13.90 21.05 -25.34
C GLU A 192 13.41 20.70 -23.94
N ASN A 193 12.88 21.67 -23.21
CA ASN A 193 12.39 21.42 -21.86
C ASN A 193 10.97 20.85 -21.82
N PHE A 194 10.35 20.60 -22.97
CA PHE A 194 8.99 20.06 -23.03
C PHE A 194 9.11 18.53 -23.10
N GLY A 195 9.23 17.92 -21.94
CA GLY A 195 9.39 16.49 -21.90
C GLY A 195 10.30 16.07 -20.76
N PRO A 196 9.99 14.95 -20.13
CA PRO A 196 10.60 14.62 -18.85
C PRO A 196 12.06 14.17 -18.98
N ASP A 197 12.79 14.35 -17.90
CA ASP A 197 14.14 13.79 -17.80
C ASP A 197 14.29 12.86 -16.62
N PHE A 198 13.86 13.28 -15.43
CA PHE A 198 13.75 12.44 -14.23
C PHE A 198 15.10 11.84 -13.84
N ARG A 199 16.03 12.73 -13.52
CA ARG A 199 17.42 12.36 -13.27
C ARG A 199 17.58 11.96 -11.80
N GLY A 200 16.97 10.83 -11.46
CA GLY A 200 17.02 10.30 -10.11
C GLY A 200 15.69 10.23 -9.41
N GLN A 201 14.63 10.81 -9.98
CA GLN A 201 13.30 10.83 -9.39
C GLN A 201 12.32 10.14 -10.35
N THR A 202 11.04 10.24 -10.01
CA THR A 202 9.95 9.78 -10.86
C THR A 202 8.81 10.77 -10.76
N PHE A 203 7.84 10.64 -11.66
CA PHE A 203 6.53 11.22 -11.40
C PHE A 203 5.96 10.51 -10.19
N PHE A 204 5.25 11.27 -9.34
CA PHE A 204 4.77 10.98 -7.98
C PHE A 204 5.89 10.97 -6.96
N SER A 205 7.14 11.14 -7.37
CA SER A 205 8.20 11.54 -6.47
C SER A 205 8.46 13.03 -6.56
N VAL A 206 8.24 13.62 -7.72
CA VAL A 206 8.28 15.06 -7.90
C VAL A 206 6.97 15.69 -7.43
N PHE A 207 5.85 14.96 -7.59
CA PHE A 207 4.57 15.43 -7.07
C PHE A 207 4.57 15.53 -5.55
N SER A 208 5.24 14.59 -4.88
CA SER A 208 5.28 14.61 -3.43
C SER A 208 6.10 15.77 -2.89
N ILE A 209 7.01 16.30 -3.68
CA ILE A 209 7.75 17.50 -3.29
C ILE A 209 7.02 18.77 -3.73
N PHE A 210 6.22 18.70 -4.80
CA PHE A 210 5.45 19.89 -5.15
C PHE A 210 4.30 20.12 -4.17
N PHE A 211 3.57 19.06 -3.81
CA PHE A 211 2.28 19.22 -3.13
C PHE A 211 2.30 20.01 -1.81
N PRO A 212 3.38 20.09 -1.02
CA PRO A 212 3.39 21.09 0.06
C PRO A 212 3.26 22.53 -0.38
N ALA A 213 3.51 22.86 -1.65
CA ALA A 213 3.26 24.20 -2.14
C ALA A 213 1.79 24.49 -2.40
N ALA A 214 0.93 23.49 -2.34
CA ALA A 214 -0.50 23.71 -2.50
C ALA A 214 -1.26 23.63 -1.19
N THR A 215 -0.64 23.16 -0.12
CA THR A 215 -1.29 23.09 1.18
C THR A 215 -1.32 24.47 1.83
N GLY A 216 -1.98 24.54 2.98
CA GLY A 216 -2.15 25.80 3.67
C GLY A 216 -3.46 26.49 3.40
N ILE A 217 -4.43 25.80 2.80
CA ILE A 217 -5.69 26.43 2.42
C ILE A 217 -6.66 26.58 3.58
N LEU A 218 -6.42 25.90 4.70
CA LEU A 218 -7.27 26.04 5.87
C LEU A 218 -6.77 27.11 6.81
N ALA A 219 -6.04 28.10 6.31
CA ALA A 219 -5.61 29.22 7.13
C ALA A 219 -6.70 30.25 7.30
N GLY A 220 -7.72 30.22 6.47
CA GLY A 220 -8.84 31.14 6.59
C GLY A 220 -9.91 30.57 7.49
N ALA A 221 -10.12 29.26 7.41
CA ALA A 221 -11.08 28.61 8.30
C ALA A 221 -10.52 28.41 9.70
N ASN A 222 -9.23 28.62 9.91
CA ASN A 222 -8.62 28.46 11.23
C ASN A 222 -8.89 29.66 12.13
N ILE A 223 -9.52 30.69 11.58
CA ILE A 223 -9.91 31.90 12.36
C ILE A 223 -11.36 32.28 12.01
N SER A 224 -12.34 31.49 12.46
CA SER A 224 -13.73 31.81 12.16
C SER A 224 -14.37 32.63 13.26
N GLY A 225 -13.78 32.65 14.44
CA GLY A 225 -14.24 33.50 15.51
C GLY A 225 -13.73 34.91 15.44
N ASP A 226 -12.84 35.20 14.50
CA ASP A 226 -12.33 36.55 14.30
C ASP A 226 -12.79 37.16 12.99
N LEU A 227 -13.73 36.52 12.30
CA LEU A 227 -14.24 37.04 11.04
C LEU A 227 -15.55 37.78 11.26
N ALA A 228 -15.88 38.64 10.30
CA ALA A 228 -17.13 39.38 10.37
C ALA A 228 -18.31 38.46 10.06
N ASP A 229 -18.31 37.86 8.88
CA ASP A 229 -19.38 36.97 8.45
C ASP A 229 -18.75 35.73 7.82
N PRO A 230 -18.55 34.66 8.59
CA PRO A 230 -17.83 33.50 8.07
C PRO A 230 -18.56 32.72 6.99
N GLN A 231 -19.87 32.94 6.87
CA GLN A 231 -20.66 32.24 5.82
C GLN A 231 -20.27 32.77 4.43
N MET A 232 -19.73 33.99 4.34
CA MET A 232 -19.43 34.59 3.01
C MET A 232 -17.93 34.83 2.85
N ALA A 233 -17.17 34.80 3.95
CA ALA A 233 -15.75 35.08 3.86
C ALA A 233 -14.91 33.84 3.58
N ILE A 234 -15.30 32.69 4.13
CA ILE A 234 -14.49 31.48 3.99
C ILE A 234 -14.63 30.86 2.60
N PRO A 235 -15.82 30.70 1.98
CA PRO A 235 -15.82 30.22 0.58
C PRO A 235 -15.26 31.20 -0.42
N LYS A 236 -15.22 32.49 -0.13
CA LYS A 236 -14.73 33.47 -1.09
C LYS A 236 -13.21 33.48 -1.15
N GLY A 237 -12.58 33.76 0.00
CA GLY A 237 -11.14 33.93 0.03
C GLY A 237 -10.36 32.67 -0.22
N THR A 238 -10.88 31.52 0.24
CA THR A 238 -10.19 30.26 0.03
C THR A 238 -10.14 29.88 -1.44
N LEU A 239 -11.31 29.88 -2.09
CA LEU A 239 -11.37 29.50 -3.49
C LEU A 239 -10.85 30.59 -4.42
N LEU A 240 -10.63 31.81 -3.93
CA LEU A 240 -9.90 32.77 -4.74
C LEU A 240 -8.39 32.65 -4.59
N ALA A 241 -7.92 32.37 -3.37
CA ALA A 241 -6.49 32.22 -3.12
C ALA A 241 -5.94 30.98 -3.81
N ILE A 242 -6.74 29.91 -3.88
CA ILE A 242 -6.32 28.70 -4.59
C ILE A 242 -6.11 28.98 -6.07
N LEU A 243 -7.02 29.74 -6.68
CA LEU A 243 -6.91 30.09 -8.10
C LEU A 243 -5.72 31.00 -8.36
N ILE A 244 -5.52 32.01 -7.51
CA ILE A 244 -4.41 32.96 -7.72
C ILE A 244 -3.07 32.27 -7.58
N THR A 245 -2.89 31.48 -6.52
CA THR A 245 -1.60 30.81 -6.31
C THR A 245 -1.35 29.72 -7.34
N GLY A 246 -2.39 29.03 -7.80
CA GLY A 246 -2.20 28.04 -8.85
C GLY A 246 -1.80 28.67 -10.17
N LEU A 247 -2.39 29.82 -10.51
CA LEU A 247 -1.98 30.49 -11.74
C LEU A 247 -0.56 31.03 -11.65
N VAL A 248 -0.14 31.49 -10.46
CA VAL A 248 1.25 31.93 -10.33
C VAL A 248 2.22 30.75 -10.44
N TYR A 249 1.83 29.57 -9.94
CA TYR A 249 2.67 28.39 -10.08
C TYR A 249 2.79 27.95 -11.54
N VAL A 250 1.69 27.99 -12.29
CA VAL A 250 1.73 27.63 -13.70
C VAL A 250 2.56 28.62 -14.51
N GLY A 251 2.42 29.92 -14.21
CA GLY A 251 3.23 30.91 -14.88
C GLY A 251 4.71 30.79 -14.58
N VAL A 252 5.06 30.49 -13.33
CA VAL A 252 6.45 30.31 -12.95
C VAL A 252 7.03 29.08 -13.63
N ALA A 253 6.25 27.99 -13.72
CA ALA A 253 6.73 26.77 -14.35
C ALA A 253 6.99 26.95 -15.84
N ILE A 254 6.03 27.56 -16.56
CA ILE A 254 6.20 27.76 -18.00
C ILE A 254 7.31 28.76 -18.29
N SER A 255 7.38 29.85 -17.50
CA SER A 255 8.40 30.86 -17.72
C SER A 255 9.79 30.35 -17.38
N ALA A 256 9.91 29.47 -16.38
CA ALA A 256 11.22 28.90 -16.09
C ALA A 256 11.63 27.89 -17.14
N GLY A 257 10.68 27.11 -17.65
CA GLY A 257 11.03 26.11 -18.63
C GLY A 257 11.38 26.68 -19.99
N ALA A 258 10.83 27.82 -20.34
CA ALA A 258 11.03 28.36 -21.67
C ALA A 258 12.20 29.33 -21.77
N CYS A 259 13.03 29.48 -20.74
CA CYS A 259 14.17 30.37 -20.86
C CYS A 259 15.45 29.90 -20.17
N ILE A 260 15.46 28.74 -19.53
CA ILE A 260 16.64 28.23 -18.84
C ILE A 260 16.91 26.82 -19.33
N VAL A 261 18.17 26.52 -19.64
CA VAL A 261 18.54 25.19 -20.07
C VAL A 261 18.79 24.30 -18.85
N ARG A 262 18.77 22.99 -19.07
CA ARG A 262 18.81 22.05 -17.96
C ARG A 262 20.18 21.95 -17.31
N ASP A 263 21.26 22.02 -18.08
CA ASP A 263 22.61 21.96 -17.53
C ASP A 263 23.43 23.09 -18.11
N ALA A 264 24.40 23.57 -17.32
CA ALA A 264 25.26 24.68 -17.73
C ALA A 264 26.52 24.71 -16.89
N THR A 265 27.67 24.78 -17.54
CA THR A 265 28.92 25.05 -16.84
C THR A 265 29.06 26.55 -16.62
N GLY A 266 29.51 26.93 -15.43
CA GLY A 266 29.64 28.34 -15.11
C GLY A 266 30.88 29.01 -15.66
N ILE A 267 31.26 28.67 -16.89
CA ILE A 267 32.44 29.20 -17.56
C ILE A 267 31.98 29.84 -18.86
N GLU A 268 32.33 31.10 -19.07
CA GLU A 268 31.92 31.78 -20.29
C GLU A 268 32.74 31.30 -21.48
N SER A 269 32.16 31.43 -22.67
CA SER A 269 32.79 31.02 -23.91
C SER A 269 32.95 32.23 -24.82
N ASN A 270 34.11 32.30 -25.49
CA ASN A 270 34.41 33.44 -26.35
C ASN A 270 33.63 33.38 -27.66
N PHE A 271 33.14 32.22 -28.04
CA PHE A 271 32.41 32.08 -29.30
C PHE A 271 31.01 32.68 -29.19
N THR A 272 30.45 33.04 -30.35
CA THR A 272 29.07 33.49 -30.43
C THR A 272 28.19 32.53 -31.20
N LEU A 273 28.77 31.66 -32.02
CA LEU A 273 28.05 30.55 -32.63
C LEU A 273 29.01 29.36 -32.72
N ILE A 274 28.65 28.26 -32.04
CA ILE A 274 29.46 27.01 -31.94
C ILE A 274 29.43 26.22 -33.24
N SER A 275 30.46 25.39 -33.47
CA SER A 275 30.53 24.55 -34.66
C SER A 275 29.33 23.61 -34.70
N ASN A 276 28.77 23.43 -35.90
CA ASN A 276 27.49 22.72 -36.07
C ASN A 276 27.72 21.22 -35.94
N CYS A 277 27.90 20.78 -34.70
CA CYS A 277 28.05 19.37 -34.41
C CYS A 277 27.28 18.95 -33.16
N THR A 278 26.62 19.87 -32.47
CA THR A 278 25.87 19.55 -31.26
C THR A 278 24.37 19.64 -31.48
N ASP A 279 23.87 20.82 -31.88
CA ASP A 279 22.45 21.14 -31.99
C ASP A 279 21.70 20.80 -30.71
N ALA A 280 22.11 21.48 -29.63
CA ALA A 280 21.49 21.33 -28.31
C ALA A 280 20.89 22.64 -27.85
N ALA A 281 20.35 23.41 -28.80
CA ALA A 281 19.56 24.63 -28.63
C ALA A 281 20.32 25.82 -28.06
N CYS A 282 21.58 25.66 -27.67
CA CYS A 282 22.40 26.78 -27.24
C CYS A 282 23.28 27.18 -28.42
N LYS A 283 22.64 27.84 -29.39
CA LYS A 283 23.29 28.43 -30.55
C LYS A 283 23.86 29.81 -30.26
N TYR A 284 23.79 30.25 -29.01
CA TYR A 284 24.30 31.55 -28.58
C TYR A 284 25.79 31.54 -28.29
N GLY A 285 26.49 30.47 -28.67
CA GLY A 285 27.91 30.37 -28.45
C GLY A 285 28.32 29.55 -27.25
N TYR A 286 27.40 28.80 -26.66
CA TYR A 286 27.69 28.02 -25.46
C TYR A 286 27.52 26.55 -25.77
N ASP A 287 28.52 25.77 -25.39
CA ASP A 287 28.53 24.32 -25.59
C ASP A 287 28.39 23.68 -24.22
N PHE A 288 27.18 23.27 -23.89
CA PHE A 288 26.88 22.74 -22.56
C PHE A 288 26.91 21.22 -22.53
N SER A 289 27.70 20.61 -23.40
CA SER A 289 28.04 19.20 -23.27
C SER A 289 29.14 19.04 -22.23
N SER A 290 29.49 17.78 -21.94
CA SER A 290 30.29 17.35 -20.79
C SER A 290 29.68 17.78 -19.46
N CYS A 291 28.37 17.95 -19.43
CA CYS A 291 27.62 18.08 -18.19
C CYS A 291 26.40 17.19 -18.14
N ARG A 292 25.93 16.69 -19.27
CA ARG A 292 24.93 15.64 -19.26
C ARG A 292 25.55 14.36 -18.69
N PRO A 293 24.81 13.64 -17.85
CA PRO A 293 25.39 12.46 -17.21
C PRO A 293 25.54 11.31 -18.19
N THR A 294 26.58 10.51 -17.95
CA THR A 294 26.92 9.43 -18.88
C THR A 294 25.95 8.26 -18.76
N VAL A 295 25.93 7.63 -17.59
CA VAL A 295 25.04 6.50 -17.35
C VAL A 295 23.67 7.02 -16.95
N GLU A 296 22.69 6.14 -16.89
CA GLU A 296 21.33 6.47 -16.43
C GLU A 296 21.14 6.05 -14.98
N GLY A 297 22.18 6.15 -14.17
CA GLY A 297 22.08 5.80 -12.76
C GLY A 297 22.85 6.76 -11.89
N GLU A 298 23.02 8.00 -12.36
CA GLU A 298 23.80 8.98 -11.63
C GLU A 298 23.24 10.38 -11.91
N VAL A 299 23.57 11.30 -11.02
CA VAL A 299 23.22 12.69 -11.19
C VAL A 299 24.34 13.38 -11.97
N SER A 300 24.04 14.55 -12.52
CA SER A 300 25.01 15.28 -13.32
C SER A 300 26.06 15.92 -12.43
N SER A 301 27.31 15.90 -12.91
CA SER A 301 28.39 16.59 -12.24
C SER A 301 28.57 18.00 -12.80
N CYS A 302 27.48 18.74 -12.83
CA CYS A 302 27.43 20.13 -13.22
C CYS A 302 27.17 20.96 -11.98
N LYS A 303 26.95 22.25 -12.17
CA LYS A 303 26.75 23.16 -11.05
C LYS A 303 25.62 24.15 -11.24
N PHE A 304 25.11 24.35 -12.46
CA PHE A 304 24.07 25.33 -12.72
C PHE A 304 23.07 24.72 -13.68
N GLY A 305 22.07 25.52 -14.07
CA GLY A 305 20.97 25.04 -14.89
C GLY A 305 19.74 24.74 -14.07
N LEU A 306 18.74 24.18 -14.74
CA LEU A 306 17.50 23.84 -14.06
C LEU A 306 17.66 22.67 -13.12
N HIS A 307 18.56 21.74 -13.43
CA HIS A 307 18.68 20.50 -12.69
C HIS A 307 19.50 20.64 -11.41
N ASN A 308 20.32 21.68 -11.30
CA ASN A 308 21.46 21.61 -10.40
C ASN A 308 21.44 22.62 -9.27
N ASP A 309 21.24 23.91 -9.54
CA ASP A 309 21.72 24.91 -8.59
C ASP A 309 20.70 25.32 -7.53
N PHE A 310 19.42 25.04 -7.71
CA PHE A 310 18.30 25.29 -6.78
C PHE A 310 17.98 26.76 -6.55
N GLN A 311 18.77 27.69 -7.07
CA GLN A 311 18.56 29.10 -6.78
C GLN A 311 18.60 29.92 -8.06
N VAL A 312 18.15 29.33 -9.17
CA VAL A 312 18.28 30.00 -10.46
C VAL A 312 17.26 31.11 -10.63
N MET A 313 16.25 31.20 -9.78
CA MET A 313 15.34 32.34 -9.84
C MET A 313 16.00 33.61 -9.35
N SER A 314 17.03 33.52 -8.52
CA SER A 314 17.82 34.70 -8.17
C SER A 314 18.74 35.13 -9.29
N VAL A 315 19.08 34.22 -10.21
CA VAL A 315 19.88 34.60 -11.37
C VAL A 315 19.02 35.29 -12.41
N VAL A 316 17.81 34.78 -12.64
CA VAL A 316 16.90 35.36 -13.63
C VAL A 316 16.40 36.73 -13.17
N SER A 317 16.33 36.96 -11.86
CA SER A 317 15.75 38.17 -11.30
C SER A 317 16.54 39.43 -11.66
N GLY A 318 15.82 40.54 -11.80
CA GLY A 318 16.46 41.79 -12.17
C GLY A 318 17.34 42.33 -11.06
N PHE A 319 16.84 42.32 -9.83
CA PHE A 319 17.64 42.63 -8.67
C PHE A 319 17.53 41.46 -7.70
N SER A 320 18.54 40.58 -7.74
CA SER A 320 18.58 39.31 -6.98
C SER A 320 18.75 39.42 -5.45
N PRO A 321 19.60 40.31 -4.90
CA PRO A 321 19.91 40.30 -3.46
C PRO A 321 18.86 40.56 -2.38
N LEU A 322 18.03 41.57 -2.62
CA LEU A 322 17.03 42.09 -1.70
C LEU A 322 15.64 41.72 -2.11
N ILE A 323 15.31 41.81 -3.40
CA ILE A 323 13.92 41.55 -3.77
C ILE A 323 13.66 40.06 -3.83
N SER A 324 14.60 39.26 -4.33
CA SER A 324 14.40 37.81 -4.32
C SER A 324 14.82 37.19 -2.98
N ALA A 325 15.07 38.03 -1.97
CA ALA A 325 15.03 37.63 -0.57
C ALA A 325 13.65 37.81 0.04
N GLY A 326 12.60 37.66 -0.77
CA GLY A 326 11.27 37.30 -0.37
C GLY A 326 11.11 35.83 -0.05
N ILE A 327 12.18 35.04 -0.25
CA ILE A 327 12.24 33.69 0.29
C ILE A 327 12.10 33.72 1.80
N PHE A 328 12.72 34.71 2.44
CA PHE A 328 12.65 34.83 3.88
C PHE A 328 11.22 35.18 4.31
N SER A 329 10.57 36.06 3.56
CA SER A 329 9.18 36.43 3.83
C SER A 329 8.25 35.25 3.69
N ALA A 330 8.38 34.50 2.59
CA ALA A 330 7.50 33.37 2.31
C ALA A 330 7.68 32.24 3.33
N THR A 331 8.94 31.82 3.55
CA THR A 331 9.21 30.72 4.46
C THR A 331 8.89 31.08 5.91
N LEU A 332 9.28 32.28 6.37
CA LEU A 332 9.02 32.61 7.76
C LEU A 332 7.55 32.91 8.02
N SER A 333 6.82 33.45 7.04
CA SER A 333 5.39 33.65 7.22
C SER A 333 4.64 32.32 7.28
N SER A 334 5.03 31.35 6.43
CA SER A 334 4.36 30.05 6.48
C SER A 334 4.74 29.27 7.74
N ALA A 335 5.99 29.37 8.17
CA ALA A 335 6.40 28.67 9.40
C ALA A 335 5.76 29.29 10.63
N LEU A 336 5.58 30.61 10.65
CA LEU A 336 4.93 31.23 11.78
C LEU A 336 3.44 30.99 11.77
N ALA A 337 2.83 30.86 10.58
CA ALA A 337 1.42 30.51 10.54
C ALA A 337 1.18 29.06 10.94
N SER A 338 2.15 28.18 10.72
CA SER A 338 2.00 26.81 11.16
C SER A 338 2.45 26.57 12.59
N LEU A 339 3.22 27.50 13.19
CA LEU A 339 3.58 27.35 14.59
C LEU A 339 2.47 27.80 15.53
N VAL A 340 1.54 28.64 15.08
CA VAL A 340 0.45 29.07 15.95
C VAL A 340 -0.84 28.32 15.68
N SER A 341 -0.89 27.51 14.62
CA SER A 341 -2.10 26.81 14.24
C SER A 341 -2.14 25.36 14.69
N ALA A 342 -0.99 24.76 14.96
CA ALA A 342 -0.95 23.41 15.48
C ALA A 342 -1.21 23.32 17.00
N PRO A 343 -0.70 24.20 17.87
CA PRO A 343 -1.16 24.13 19.26
C PRO A 343 -2.57 24.65 19.46
N LYS A 344 -3.08 25.47 18.54
CA LYS A 344 -4.44 25.98 18.68
C LYS A 344 -5.46 24.87 18.49
N VAL A 345 -5.31 24.10 17.40
CA VAL A 345 -6.17 22.95 17.13
C VAL A 345 -6.02 21.90 18.21
N PHE A 346 -4.80 21.67 18.67
CA PHE A 346 -4.56 20.65 19.69
C PHE A 346 -5.09 21.08 21.04
N GLN A 347 -5.06 22.37 21.36
CA GLN A 347 -5.67 22.81 22.62
C GLN A 347 -7.18 22.77 22.56
N ALA A 348 -7.76 23.06 21.39
CA ALA A 348 -9.21 22.93 21.26
C ALA A 348 -9.65 21.48 21.30
N LEU A 349 -8.78 20.57 20.86
CA LEU A 349 -9.09 19.15 20.94
C LEU A 349 -8.91 18.61 22.35
N CYS A 350 -7.92 19.11 23.09
CA CYS A 350 -7.69 18.62 24.44
C CYS A 350 -8.63 19.22 25.48
N LYS A 351 -9.55 20.10 25.08
CA LYS A 351 -10.56 20.58 26.00
C LYS A 351 -11.82 19.72 26.01
N ASP A 352 -12.14 19.09 24.90
CA ASP A 352 -13.11 18.00 24.88
C ASP A 352 -12.35 16.73 25.19
N ASN A 353 -12.65 16.08 26.31
CA ASN A 353 -11.90 14.90 26.70
C ASN A 353 -12.33 13.72 25.84
N ILE A 354 -11.83 13.72 24.61
CA ILE A 354 -12.11 12.64 23.66
C ILE A 354 -11.10 11.52 23.81
N TYR A 355 -9.82 11.85 23.66
CA TYR A 355 -8.70 10.96 23.87
C TYR A 355 -8.17 11.08 25.29
N PRO A 356 -7.84 9.97 25.92
CA PRO A 356 -7.69 9.97 27.39
C PRO A 356 -6.52 10.76 27.95
N GLY A 357 -5.31 10.49 27.49
CA GLY A 357 -4.16 10.94 28.25
C GLY A 357 -3.62 12.30 27.89
N ILE A 358 -4.12 12.93 26.83
CA ILE A 358 -3.47 14.10 26.29
C ILE A 358 -4.01 15.37 26.91
N ALA A 359 -4.78 15.24 28.00
CA ALA A 359 -5.54 16.36 28.54
C ALA A 359 -4.67 17.42 29.20
N ILE A 360 -3.37 17.18 29.39
CA ILE A 360 -2.52 18.18 30.02
C ILE A 360 -2.05 19.25 29.05
N PHE A 361 -2.19 19.03 27.75
CA PHE A 361 -1.83 20.06 26.76
C PHE A 361 -3.02 20.95 26.43
N GLY A 362 -3.74 21.41 27.45
CA GLY A 362 -4.88 22.27 27.21
C GLY A 362 -4.89 23.44 28.15
N LYS A 363 -4.01 23.39 29.15
CA LYS A 363 -3.98 24.41 30.21
C LYS A 363 -3.23 25.61 29.68
N GLY A 364 -3.96 26.60 29.19
CA GLY A 364 -3.33 27.77 28.63
C GLY A 364 -2.82 28.73 29.68
N TYR A 365 -1.51 28.89 29.75
CA TYR A 365 -0.93 29.85 30.66
C TYR A 365 -1.17 31.28 30.16
N GLY A 366 -1.21 32.21 31.09
CA GLY A 366 -1.35 33.62 30.74
C GLY A 366 -2.78 34.10 30.72
N LYS A 367 -2.98 35.21 30.01
CA LYS A 367 -4.25 35.91 29.98
C LYS A 367 -5.12 35.52 28.79
N ASN A 368 -4.52 35.21 27.64
CA ASN A 368 -5.25 34.76 26.47
C ASN A 368 -5.39 33.24 26.41
N ASN A 369 -4.89 32.54 27.44
CA ASN A 369 -4.86 31.08 27.52
C ASN A 369 -4.17 30.45 26.31
N GLU A 370 -2.99 30.96 25.99
CA GLU A 370 -2.20 30.37 24.93
C GLU A 370 -1.61 29.06 25.43
N PRO A 371 -1.73 27.98 24.68
CA PRO A 371 -1.26 26.68 25.19
C PRO A 371 0.25 26.55 25.16
N LEU A 372 0.90 26.71 26.31
CA LEU A 372 2.35 26.73 26.30
C LEU A 372 2.94 25.32 26.21
N ARG A 373 2.28 24.34 26.81
CA ARG A 373 2.70 22.96 26.63
C ARG A 373 2.49 22.50 25.20
N GLY A 374 1.45 23.00 24.55
CA GLY A 374 1.26 22.72 23.13
C GLY A 374 2.32 23.36 22.26
N TYR A 375 2.73 24.59 22.60
CA TYR A 375 3.81 25.24 21.87
C TYR A 375 5.12 24.48 22.03
N PHE A 376 5.38 23.97 23.24
CA PHE A 376 6.63 23.25 23.44
C PHE A 376 6.60 21.88 22.80
N LEU A 377 5.43 21.24 22.72
CA LEU A 377 5.32 19.97 22.01
C LEU A 377 5.48 20.16 20.51
N THR A 378 4.91 21.23 19.96
CA THR A 378 5.10 21.53 18.54
C THR A 378 6.56 21.86 18.24
N PHE A 379 7.21 22.60 19.14
CA PHE A 379 8.63 22.87 19.00
C PHE A 379 9.48 21.61 19.06
N GLY A 380 9.10 20.63 19.90
CA GLY A 380 9.83 19.38 19.94
C GLY A 380 9.65 18.53 18.69
N ILE A 381 8.41 18.44 18.19
CA ILE A 381 8.14 17.68 16.97
C ILE A 381 8.79 18.33 15.77
N ALA A 382 8.84 19.67 15.74
CA ALA A 382 9.52 20.35 14.65
C ALA A 382 11.03 20.18 14.73
N LEU A 383 11.61 20.31 15.92
CA LEU A 383 13.05 20.18 16.07
C LEU A 383 13.53 18.76 15.85
N ALA A 384 12.68 17.76 16.02
CA ALA A 384 13.08 16.41 15.65
C ALA A 384 13.25 16.25 14.15
N PHE A 385 12.46 16.97 13.35
CA PHE A 385 12.54 16.87 11.90
C PHE A 385 13.47 17.89 11.27
N ILE A 386 13.86 18.94 11.98
CA ILE A 386 14.86 19.87 11.45
C ILE A 386 16.22 19.19 11.37
N LEU A 387 16.50 18.26 12.28
CA LEU A 387 17.77 17.53 12.26
C LEU A 387 17.91 16.60 11.05
N ILE A 388 16.83 16.33 10.32
CA ILE A 388 16.96 15.77 8.97
C ILE A 388 17.10 16.97 8.04
N ALA A 389 18.33 17.45 7.91
CA ALA A 389 18.56 18.74 7.27
C ALA A 389 18.56 18.62 5.74
N GLU A 390 17.45 18.14 5.20
CA GLU A 390 17.31 17.94 3.77
C GLU A 390 15.84 18.10 3.41
N LEU A 391 15.55 18.99 2.48
CA LEU A 391 14.16 19.32 2.17
C LEU A 391 13.46 18.20 1.41
N ASN A 392 14.18 17.51 0.55
CA ASN A 392 13.58 16.50 -0.32
C ASN A 392 13.19 15.22 0.41
N VAL A 393 13.59 15.06 1.67
CA VAL A 393 13.07 13.97 2.49
C VAL A 393 12.05 14.46 3.52
N ILE A 394 12.02 15.74 3.87
CA ILE A 394 10.96 16.24 4.73
C ILE A 394 9.67 16.36 3.95
N ALA A 395 9.74 16.86 2.72
CA ALA A 395 8.54 17.22 1.98
C ALA A 395 7.58 16.08 1.63
N PRO A 396 8.00 14.84 1.32
CA PRO A 396 7.01 13.77 1.18
C PRO A 396 6.28 13.40 2.47
N ILE A 397 6.86 13.64 3.64
CA ILE A 397 6.16 13.39 4.90
C ILE A 397 4.99 14.36 5.07
N ILE A 398 5.25 15.65 4.79
CA ILE A 398 4.23 16.68 4.87
C ILE A 398 3.15 16.42 3.84
N SER A 399 3.56 15.94 2.66
CA SER A 399 2.60 15.61 1.62
C SER A 399 1.69 14.47 2.03
N ASN A 400 2.26 13.45 2.70
CA ASN A 400 1.47 12.34 3.21
C ASN A 400 0.44 12.78 4.24
N PHE A 401 0.86 13.58 5.22
CA PHE A 401 -0.10 13.96 6.27
C PHE A 401 -1.12 14.98 5.81
N PHE A 402 -0.78 15.86 4.87
CA PHE A 402 -1.80 16.77 4.37
C PHE A 402 -2.76 16.09 3.41
N LEU A 403 -2.30 15.11 2.63
CA LEU A 403 -3.23 14.32 1.84
C LEU A 403 -4.16 13.50 2.74
N ALA A 404 -3.65 13.03 3.88
CA ALA A 404 -4.50 12.31 4.83
C ALA A 404 -5.57 13.22 5.43
N SER A 405 -5.20 14.43 5.84
CA SER A 405 -6.18 15.36 6.43
C SER A 405 -7.23 15.79 5.42
N TYR A 406 -6.81 16.06 4.17
CA TYR A 406 -7.77 16.48 3.16
C TYR A 406 -8.69 15.33 2.74
N ALA A 407 -8.16 14.10 2.70
CA ALA A 407 -8.99 12.94 2.42
C ALA A 407 -10.01 12.72 3.52
N LEU A 408 -9.62 12.95 4.78
CA LEU A 408 -10.55 12.81 5.89
C LEU A 408 -11.66 13.86 5.84
N ILE A 409 -11.32 15.09 5.46
CA ILE A 409 -12.34 16.14 5.36
C ILE A 409 -13.35 15.82 4.27
N ASN A 410 -12.86 15.40 3.10
CA ASN A 410 -13.74 15.08 1.98
C ASN A 410 -14.60 13.86 2.29
N PHE A 411 -14.04 12.84 2.92
CA PHE A 411 -14.82 11.67 3.25
C PHE A 411 -15.83 11.97 4.36
N SER A 412 -15.51 12.88 5.27
CA SER A 412 -16.45 13.20 6.34
C SER A 412 -17.65 13.96 5.81
N VAL A 413 -17.44 14.89 4.86
CA VAL A 413 -18.63 15.56 4.33
C VAL A 413 -19.42 14.64 3.40
N PHE A 414 -18.76 13.71 2.70
CA PHE A 414 -19.51 12.73 1.91
C PHE A 414 -20.33 11.83 2.81
N HIS A 415 -19.74 11.36 3.92
CA HIS A 415 -20.44 10.45 4.81
C HIS A 415 -21.57 11.14 5.55
N ALA A 416 -21.43 12.43 5.86
CA ALA A 416 -22.53 13.14 6.47
C ALA A 416 -23.64 13.41 5.48
N SER A 417 -23.32 13.64 4.21
CA SER A 417 -24.38 13.80 3.22
C SER A 417 -25.08 12.48 2.93
N LEU A 418 -24.33 11.37 2.96
CA LEU A 418 -24.91 10.07 2.64
C LEU A 418 -25.75 9.53 3.79
N ALA A 419 -25.25 9.65 5.01
CA ALA A 419 -25.90 9.08 6.17
C ALA A 419 -27.13 9.84 6.60
N ASN A 420 -27.38 11.02 6.03
CA ASN A 420 -28.43 11.95 6.44
C ASN A 420 -28.32 12.26 7.93
N SER A 421 -27.23 12.94 8.26
CA SER A 421 -26.96 13.37 9.63
C SER A 421 -28.04 14.35 10.09
N PRO A 422 -28.28 14.45 11.40
CA PRO A 422 -29.40 15.30 11.86
C PRO A 422 -29.20 16.79 11.65
N GLY A 423 -28.01 17.31 11.87
CA GLY A 423 -27.82 18.74 11.72
C GLY A 423 -26.96 19.13 10.54
N TRP A 424 -27.16 18.48 9.40
CA TRP A 424 -26.29 18.66 8.23
C TRP A 424 -27.13 19.17 7.07
N ARG A 425 -27.14 20.49 6.90
CA ARG A 425 -27.84 21.15 5.76
C ARG A 425 -26.87 22.16 5.16
N PRO A 426 -25.87 21.74 4.35
CA PRO A 426 -24.84 22.66 3.84
C PRO A 426 -25.29 23.58 2.73
N SER A 427 -25.80 24.76 3.07
CA SER A 427 -26.24 25.70 2.03
C SER A 427 -25.09 26.37 1.30
N PHE A 428 -24.33 25.60 0.52
CA PHE A 428 -23.27 26.15 -0.33
C PHE A 428 -23.55 25.69 -1.76
N LYS A 429 -23.39 26.61 -2.70
CA LYS A 429 -23.91 26.41 -4.05
C LYS A 429 -23.11 25.38 -4.84
N TYR A 430 -21.83 25.22 -4.55
CA TYR A 430 -20.94 24.38 -5.34
C TYR A 430 -20.42 23.20 -4.53
N TYR A 431 -21.30 22.59 -3.73
CA TYR A 431 -20.95 21.40 -2.97
C TYR A 431 -21.76 20.23 -3.51
N ASN A 432 -21.08 19.14 -3.82
CA ASN A 432 -21.69 17.90 -4.24
C ASN A 432 -20.99 16.78 -3.50
N MET A 433 -21.76 15.78 -3.06
CA MET A 433 -21.16 14.73 -2.24
C MET A 433 -20.29 13.79 -3.06
N TRP A 434 -20.58 13.65 -4.36
CA TRP A 434 -19.79 12.74 -5.17
C TRP A 434 -18.48 13.37 -5.58
N ALA A 435 -18.42 14.70 -5.66
CA ALA A 435 -17.15 15.37 -5.84
C ALA A 435 -16.26 15.21 -4.61
N SER A 436 -16.87 15.24 -3.42
CA SER A 436 -16.10 15.00 -2.20
C SER A 436 -15.61 13.56 -2.12
N LEU A 437 -16.44 12.60 -2.53
CA LEU A 437 -15.99 11.21 -2.55
C LEU A 437 -14.86 11.01 -3.55
N ALA A 438 -14.94 11.65 -4.72
CA ALA A 438 -13.88 11.56 -5.71
C ALA A 438 -12.58 12.18 -5.18
N GLY A 439 -12.68 13.30 -4.47
CA GLY A 439 -11.50 13.91 -3.88
C GLY A 439 -10.87 13.05 -2.79
N ALA A 440 -11.69 12.38 -1.99
CA ALA A 440 -11.16 11.53 -0.93
C ALA A 440 -10.48 10.30 -1.50
N ILE A 441 -11.09 9.67 -2.51
CA ILE A 441 -10.48 8.50 -3.15
C ILE A 441 -9.18 8.90 -3.86
N LEU A 442 -9.17 10.07 -4.50
CA LEU A 442 -7.97 10.54 -5.18
C LEU A 442 -6.84 10.84 -4.21
N CYS A 443 -7.15 11.47 -3.07
CA CYS A 443 -6.12 11.74 -2.07
C CYS A 443 -5.59 10.46 -1.45
N CYS A 444 -6.45 9.47 -1.19
CA CYS A 444 -5.98 8.22 -0.61
C CYS A 444 -5.12 7.41 -1.59
N VAL A 445 -5.50 7.39 -2.86
CA VAL A 445 -4.73 6.64 -3.85
C VAL A 445 -3.39 7.31 -4.11
N VAL A 446 -3.35 8.64 -4.16
CA VAL A 446 -2.08 9.34 -4.34
C VAL A 446 -1.19 9.17 -3.11
N MET A 447 -1.78 9.18 -1.92
CA MET A 447 -1.04 8.93 -0.69
C MET A 447 -0.44 7.53 -0.66
N PHE A 448 -1.10 6.55 -1.27
CA PHE A 448 -0.51 5.22 -1.35
C PHE A 448 0.52 5.10 -2.47
N ILE A 449 0.37 5.83 -3.57
CA ILE A 449 1.37 5.77 -4.64
C ILE A 449 2.68 6.40 -4.20
N ILE A 450 2.60 7.47 -3.40
CA ILE A 450 3.81 8.19 -2.96
C ILE A 450 4.66 7.30 -2.06
N ASN A 451 4.06 6.66 -1.06
CA ASN A 451 4.78 5.80 -0.14
C ASN A 451 3.75 4.89 0.53
N TRP A 452 3.80 3.58 0.24
CA TRP A 452 2.69 2.73 0.64
C TRP A 452 2.71 2.37 2.12
N TRP A 453 3.88 2.26 2.74
CA TRP A 453 3.87 1.82 4.14
C TRP A 453 3.57 2.98 5.09
N ALA A 454 3.98 4.19 4.75
CA ALA A 454 3.56 5.36 5.52
C ALA A 454 2.07 5.62 5.35
N ALA A 455 1.54 5.36 4.16
CA ALA A 455 0.11 5.47 3.94
C ALA A 455 -0.66 4.42 4.73
N LEU A 456 -0.13 3.19 4.78
CA LEU A 456 -0.78 2.13 5.55
C LEU A 456 -0.75 2.42 7.04
N LEU A 457 0.36 2.97 7.54
CA LEU A 457 0.44 3.39 8.92
C LEU A 457 -0.56 4.49 9.25
N THR A 458 -0.65 5.51 8.39
CA THR A 458 -1.55 6.63 8.64
C THR A 458 -3.02 6.19 8.58
N ASN A 459 -3.36 5.30 7.64
CA ASN A 459 -4.73 4.83 7.52
C ASN A 459 -5.12 3.93 8.68
N VAL A 460 -4.19 3.10 9.17
CA VAL A 460 -4.47 2.25 10.32
C VAL A 460 -4.65 3.10 11.58
N ILE A 461 -3.83 4.14 11.74
CA ILE A 461 -3.95 5.04 12.89
C ILE A 461 -5.27 5.78 12.87
N VAL A 462 -5.70 6.26 11.70
CA VAL A 462 -6.96 6.99 11.59
C VAL A 462 -8.16 6.06 11.81
N LEU A 463 -8.06 4.82 11.32
CA LEU A 463 -9.12 3.80 11.54
C LEU A 463 -9.22 3.48 13.03
N SER A 464 -8.09 3.38 13.74
CA SER A 464 -8.09 3.11 15.17
C SER A 464 -8.67 4.26 15.96
N LEU A 465 -8.34 5.50 15.59
CA LEU A 465 -8.89 6.66 16.27
C LEU A 465 -10.37 6.87 15.96
N TYR A 466 -10.87 6.32 14.86
CA TYR A 466 -12.32 6.39 14.62
C TYR A 466 -13.07 5.35 15.44
N ILE A 467 -12.56 4.11 15.45
CA ILE A 467 -13.21 3.04 16.20
C ILE A 467 -13.08 3.25 17.71
N TYR A 468 -12.08 3.99 18.17
CA TYR A 468 -11.99 4.29 19.59
C TYR A 468 -13.09 5.24 20.04
N VAL A 469 -13.32 6.30 19.26
CA VAL A 469 -14.31 7.30 19.67
C VAL A 469 -15.73 6.81 19.40
N SER A 470 -15.92 5.87 18.48
CA SER A 470 -17.26 5.33 18.25
C SER A 470 -17.76 4.55 19.46
N TYR A 471 -16.96 3.61 19.95
CA TYR A 471 -17.37 2.80 21.09
C TYR A 471 -16.65 3.29 22.35
N LYS A 472 -17.12 4.43 22.85
CA LYS A 472 -16.63 4.99 24.09
C LYS A 472 -17.78 5.15 25.08
N LYS B 1 -26.56 -37.09 9.06
CA LYS B 1 -25.68 -36.28 9.88
C LYS B 1 -24.34 -36.97 10.05
N PHE B 2 -23.26 -36.19 9.94
CA PHE B 2 -21.92 -36.71 10.06
C PHE B 2 -21.36 -36.47 11.45
N GLY B 3 -20.39 -37.30 11.83
CA GLY B 3 -19.62 -37.07 13.02
C GLY B 3 -18.58 -35.99 12.79
N TRP B 4 -17.78 -35.74 13.83
CA TRP B 4 -16.77 -34.71 13.71
C TRP B 4 -15.57 -35.16 12.90
N ILE B 5 -15.31 -36.46 12.82
CA ILE B 5 -14.18 -36.95 12.02
C ILE B 5 -14.53 -36.89 10.55
N LYS B 6 -15.56 -37.63 10.14
CA LYS B 6 -15.88 -37.79 8.73
C LYS B 6 -16.49 -36.54 8.13
N GLY B 7 -16.99 -35.63 8.94
CA GLY B 7 -17.68 -34.47 8.42
C GLY B 7 -16.88 -33.20 8.48
N VAL B 8 -15.93 -33.09 9.41
CA VAL B 8 -15.10 -31.90 9.57
C VAL B 8 -13.64 -32.21 9.31
N LEU B 9 -13.12 -33.27 9.93
CA LEU B 9 -11.67 -33.49 9.91
C LEU B 9 -11.20 -33.94 8.54
N VAL B 10 -11.92 -34.89 7.93
CA VAL B 10 -11.54 -35.39 6.61
C VAL B 10 -11.77 -34.33 5.55
N ARG B 11 -12.83 -33.54 5.69
CA ARG B 11 -13.10 -32.43 4.77
C ARG B 11 -12.02 -31.36 4.83
N CYS B 12 -11.63 -30.95 6.03
CA CYS B 12 -10.60 -29.92 6.15
C CYS B 12 -9.23 -30.43 5.73
N MET B 13 -8.90 -31.69 6.02
CA MET B 13 -7.61 -32.22 5.59
C MET B 13 -7.57 -32.45 4.09
N LEU B 14 -8.70 -32.71 3.46
CA LEU B 14 -8.67 -32.84 2.01
C LEU B 14 -8.68 -31.50 1.31
N ASN B 15 -9.29 -30.47 1.91
CA ASN B 15 -9.24 -29.16 1.29
C ASN B 15 -7.90 -28.48 1.50
N ILE B 16 -7.24 -28.72 2.64
CA ILE B 16 -5.98 -28.02 2.91
C ILE B 16 -4.85 -28.60 2.07
N TRP B 17 -4.72 -29.92 2.03
CA TRP B 17 -3.68 -30.55 1.23
C TRP B 17 -4.03 -30.44 -0.24
N GLY B 18 -3.25 -29.68 -0.99
CA GLY B 18 -3.57 -29.38 -2.36
C GLY B 18 -2.40 -29.39 -3.32
N VAL B 19 -2.18 -28.28 -4.02
CA VAL B 19 -1.15 -28.21 -5.04
C VAL B 19 0.24 -28.20 -4.41
N MET B 20 0.46 -27.31 -3.45
CA MET B 20 1.81 -27.00 -2.99
C MET B 20 2.43 -28.11 -2.16
N LEU B 21 1.72 -29.17 -1.82
CA LEU B 21 2.29 -30.22 -0.99
C LEU B 21 3.30 -31.05 -1.78
N PHE B 22 2.97 -31.44 -3.00
CA PHE B 22 3.86 -32.27 -3.79
C PHE B 22 4.57 -31.52 -4.91
N ILE B 23 4.01 -30.41 -5.37
CA ILE B 23 4.57 -29.67 -6.48
C ILE B 23 5.60 -28.64 -6.01
N ARG B 24 5.25 -27.82 -5.02
CA ARG B 24 6.00 -26.61 -4.75
C ARG B 24 6.46 -26.49 -3.30
N MET B 25 6.66 -27.59 -2.57
CA MET B 25 7.29 -27.46 -1.27
C MET B 25 8.80 -27.46 -1.40
N THR B 26 9.33 -28.36 -2.22
CA THR B 26 10.77 -28.45 -2.41
C THR B 26 11.34 -27.21 -3.09
N TRP B 27 10.57 -26.57 -3.96
CA TRP B 27 10.99 -25.29 -4.52
C TRP B 27 11.03 -24.20 -3.46
N ILE B 28 10.18 -24.29 -2.44
CA ILE B 28 10.18 -23.29 -1.39
C ILE B 28 11.37 -23.50 -0.45
N VAL B 29 11.74 -24.76 -0.22
CA VAL B 29 12.99 -25.00 0.50
C VAL B 29 14.20 -24.66 -0.38
N GLY B 30 14.04 -24.66 -1.69
CA GLY B 30 15.15 -24.28 -2.55
C GLY B 30 15.39 -22.78 -2.56
N GLN B 31 14.33 -22.00 -2.69
CA GLN B 31 14.46 -20.55 -2.74
C GLN B 31 14.86 -19.98 -1.39
N ALA B 32 14.04 -20.21 -0.37
CA ALA B 32 14.39 -19.82 0.98
C ALA B 32 15.33 -20.86 1.58
N GLY B 33 15.53 -20.83 2.89
CA GLY B 33 16.29 -21.86 3.56
C GLY B 33 15.39 -22.93 4.14
N ILE B 34 15.97 -23.75 5.01
CA ILE B 34 15.14 -24.56 5.88
C ILE B 34 14.53 -23.69 6.97
N ALA B 35 15.32 -22.76 7.50
CA ALA B 35 14.89 -21.91 8.60
C ALA B 35 13.79 -20.95 8.16
N TYR B 36 13.98 -20.30 7.02
CA TYR B 36 12.97 -19.36 6.55
C TYR B 36 11.70 -20.06 6.10
N SER B 37 11.80 -21.26 5.55
CA SER B 37 10.58 -21.98 5.18
C SER B 37 9.83 -22.48 6.41
N CYS B 38 10.53 -22.86 7.47
CA CYS B 38 9.84 -23.19 8.71
C CYS B 38 9.19 -21.97 9.34
N ILE B 39 9.82 -20.80 9.22
CA ILE B 39 9.21 -19.56 9.69
C ILE B 39 7.97 -19.23 8.86
N ILE B 40 7.99 -19.53 7.57
CA ILE B 40 6.84 -19.32 6.68
C ILE B 40 5.68 -20.21 7.08
N VAL B 41 5.97 -21.49 7.35
CA VAL B 41 4.92 -22.43 7.74
C VAL B 41 4.33 -22.06 9.10
N ILE B 42 5.18 -21.61 10.03
CA ILE B 42 4.70 -21.22 11.34
C ILE B 42 3.86 -19.95 11.27
N MET B 43 4.19 -19.01 10.36
CA MET B 43 3.39 -17.81 10.19
C MET B 43 2.01 -18.13 9.59
N ALA B 44 1.97 -19.00 8.59
CA ALA B 44 0.69 -19.38 8.00
C ALA B 44 -0.17 -20.17 8.98
N THR B 45 0.46 -20.99 9.83
CA THR B 45 -0.25 -21.70 10.88
C THR B 45 -0.76 -20.77 11.97
N VAL B 46 -0.03 -19.69 12.26
CA VAL B 46 -0.51 -18.72 13.24
C VAL B 46 -1.74 -17.99 12.71
N VAL B 47 -1.70 -17.57 11.45
CA VAL B 47 -2.85 -16.90 10.82
C VAL B 47 -4.07 -17.81 10.80
N THR B 48 -3.87 -19.07 10.38
CA THR B 48 -5.02 -19.97 10.30
C THR B 48 -5.49 -20.46 11.66
N THR B 49 -4.63 -20.48 12.67
CA THR B 49 -5.08 -20.86 14.01
C THR B 49 -5.93 -19.76 14.63
N ILE B 50 -5.53 -18.50 14.43
CA ILE B 50 -6.34 -17.39 14.92
C ILE B 50 -7.68 -17.34 14.19
N THR B 51 -7.67 -17.58 12.88
CA THR B 51 -8.93 -17.60 12.14
C THR B 51 -9.79 -18.81 12.50
N GLY B 52 -9.17 -19.92 12.88
CA GLY B 52 -9.94 -21.06 13.34
C GLY B 52 -10.57 -20.84 14.69
N CYS B 53 -9.89 -20.11 15.58
CA CYS B 53 -10.49 -19.73 16.85
C CYS B 53 -11.64 -18.75 16.64
N SER B 54 -11.51 -17.83 15.68
CA SER B 54 -12.61 -16.92 15.38
C SER B 54 -13.81 -17.64 14.77
N THR B 55 -13.55 -18.61 13.89
CA THR B 55 -14.64 -19.39 13.31
C THR B 55 -15.32 -20.26 14.35
N SER B 56 -14.56 -20.79 15.31
CA SER B 56 -15.15 -21.55 16.41
C SER B 56 -15.97 -20.65 17.33
N ALA B 57 -15.53 -19.41 17.54
CA ALA B 57 -16.32 -18.47 18.31
C ALA B 57 -17.62 -18.11 17.61
N ILE B 58 -17.62 -18.06 16.28
CA ILE B 58 -18.89 -17.87 15.58
C ILE B 58 -19.75 -19.12 15.71
N ALA B 59 -19.16 -20.30 15.57
CA ALA B 59 -19.92 -21.53 15.53
C ALA B 59 -20.48 -21.95 16.88
N THR B 60 -19.95 -21.42 17.99
CA THR B 60 -20.49 -21.73 19.30
C THR B 60 -21.43 -20.66 19.82
N ASN B 61 -21.95 -19.80 18.96
CA ASN B 61 -22.86 -18.73 19.36
C ASN B 61 -24.32 -19.13 19.14
N GLY B 62 -24.73 -20.23 19.76
CA GLY B 62 -26.07 -20.75 19.53
C GLY B 62 -26.23 -21.26 18.10
N PHE B 63 -27.46 -21.18 17.60
CA PHE B 63 -27.81 -21.32 16.17
C PHE B 63 -27.37 -22.67 15.60
N VAL B 64 -27.95 -23.75 16.12
CA VAL B 64 -27.54 -25.08 15.71
C VAL B 64 -28.08 -25.41 14.32
N ARG B 65 -29.41 -25.48 14.20
CA ARG B 65 -30.03 -26.05 13.02
C ARG B 65 -30.05 -25.06 11.85
N GLY B 66 -30.00 -25.61 10.64
CA GLY B 66 -30.03 -24.82 9.43
C GLY B 66 -28.75 -24.05 9.22
N GLY B 67 -27.64 -24.75 8.97
CA GLY B 67 -26.34 -24.14 8.92
C GLY B 67 -25.81 -23.85 7.53
N GLY B 68 -24.50 -23.70 7.46
CA GLY B 68 -23.83 -23.19 6.29
C GLY B 68 -22.68 -22.30 6.73
N ALA B 69 -21.96 -21.79 5.74
CA ALA B 69 -20.86 -20.88 6.07
C ALA B 69 -21.35 -19.44 6.14
N TYR B 70 -22.17 -19.05 5.17
CA TYR B 70 -22.72 -17.70 5.17
C TYR B 70 -23.75 -17.51 6.27
N TYR B 71 -24.46 -18.57 6.64
CA TYR B 71 -25.57 -18.45 7.58
C TYR B 71 -25.09 -18.10 8.97
N LEU B 72 -24.07 -18.79 9.46
CA LEU B 72 -23.54 -18.55 10.80
C LEU B 72 -22.94 -17.16 10.93
N ILE B 73 -22.20 -16.73 9.91
CA ILE B 73 -21.56 -15.42 9.95
C ILE B 73 -22.60 -14.31 9.87
N SER B 74 -23.57 -14.44 8.96
CA SER B 74 -24.54 -13.38 8.78
C SER B 74 -25.59 -13.36 9.88
N ARG B 75 -25.71 -14.42 10.67
CA ARG B 75 -26.70 -14.42 11.74
C ARG B 75 -26.11 -14.10 13.10
N SER B 76 -24.83 -14.44 13.32
CA SER B 76 -24.18 -14.01 14.56
C SER B 76 -23.78 -12.55 14.49
N LEU B 77 -23.11 -12.16 13.43
CA LEU B 77 -22.77 -10.77 13.16
C LEU B 77 -23.84 -10.18 12.26
N GLY B 78 -23.63 -8.97 11.78
CA GLY B 78 -24.66 -8.30 11.01
C GLY B 78 -24.67 -8.73 9.57
N PRO B 79 -25.52 -8.07 8.77
CA PRO B 79 -25.46 -8.28 7.33
C PRO B 79 -24.36 -7.50 6.65
N GLU B 80 -23.82 -6.45 7.28
CA GLU B 80 -22.79 -5.65 6.66
C GLU B 80 -21.47 -6.40 6.57
N PHE B 81 -21.08 -7.07 7.65
CA PHE B 81 -19.91 -7.93 7.59
C PHE B 81 -20.22 -9.22 6.86
N GLY B 82 -21.45 -9.74 7.01
CA GLY B 82 -21.77 -11.04 6.44
C GLY B 82 -21.81 -11.04 4.93
N GLY B 83 -22.36 -9.98 4.33
CA GLY B 83 -22.41 -9.92 2.88
C GLY B 83 -21.04 -9.73 2.24
N SER B 84 -20.19 -8.92 2.87
CA SER B 84 -18.85 -8.71 2.34
C SER B 84 -17.98 -9.95 2.50
N ILE B 85 -18.10 -10.64 3.64
CA ILE B 85 -17.37 -11.90 3.82
C ILE B 85 -17.85 -12.95 2.83
N GLY B 86 -19.16 -13.02 2.60
CA GLY B 86 -19.71 -13.93 1.60
C GLY B 86 -19.24 -13.65 0.19
N LEU B 87 -19.20 -12.39 -0.22
CA LEU B 87 -18.76 -12.06 -1.57
C LEU B 87 -17.26 -12.31 -1.76
N ILE B 88 -16.43 -11.92 -0.80
CA ILE B 88 -14.99 -12.11 -0.95
C ILE B 88 -14.63 -13.59 -0.85
N PHE B 89 -15.35 -14.35 -0.02
CA PHE B 89 -15.08 -15.78 0.10
C PHE B 89 -15.55 -16.53 -1.13
N ALA B 90 -16.68 -16.14 -1.71
CA ALA B 90 -17.13 -16.75 -2.95
C ALA B 90 -16.16 -16.51 -4.09
N PHE B 91 -15.65 -15.27 -4.20
CA PHE B 91 -14.67 -14.99 -5.24
C PHE B 91 -13.35 -15.70 -5.00
N ALA B 92 -12.96 -15.86 -3.74
CA ALA B 92 -11.71 -16.53 -3.41
C ALA B 92 -11.76 -18.01 -3.78
N ASN B 93 -12.87 -18.69 -3.51
CA ASN B 93 -12.96 -20.09 -3.91
C ASN B 93 -13.10 -20.23 -5.42
N ALA B 94 -13.83 -19.31 -6.05
CA ALA B 94 -14.00 -19.36 -7.50
C ALA B 94 -12.69 -19.15 -8.24
N VAL B 95 -11.78 -18.35 -7.69
CA VAL B 95 -10.47 -18.20 -8.31
C VAL B 95 -9.50 -19.29 -7.86
N ALA B 96 -9.73 -19.93 -6.71
CA ALA B 96 -8.85 -21.00 -6.26
C ALA B 96 -9.03 -22.27 -7.09
N VAL B 97 -10.23 -22.48 -7.64
CA VAL B 97 -10.48 -23.57 -8.59
C VAL B 97 -9.46 -23.57 -9.72
N ALA B 98 -9.15 -22.39 -10.25
CA ALA B 98 -8.18 -22.26 -11.32
C ALA B 98 -6.78 -22.63 -10.88
N MET B 99 -6.40 -22.29 -9.65
CA MET B 99 -5.07 -22.62 -9.14
C MET B 99 -4.89 -24.12 -9.01
N TYR B 100 -5.91 -24.81 -8.48
CA TYR B 100 -5.80 -26.26 -8.31
C TYR B 100 -5.79 -26.97 -9.65
N VAL B 101 -6.63 -26.57 -10.60
CA VAL B 101 -6.61 -27.29 -11.88
C VAL B 101 -5.42 -26.88 -12.76
N VAL B 102 -4.81 -25.71 -12.54
CA VAL B 102 -3.59 -25.39 -13.26
C VAL B 102 -2.42 -26.22 -12.72
N GLY B 103 -2.40 -26.47 -11.40
CA GLY B 103 -1.41 -27.39 -10.85
C GLY B 103 -1.57 -28.81 -11.37
N PHE B 104 -2.82 -29.27 -11.47
CA PHE B 104 -3.09 -30.59 -12.05
C PHE B 104 -2.64 -30.67 -13.51
N ALA B 105 -2.96 -29.64 -14.29
CA ALA B 105 -2.61 -29.64 -15.71
C ALA B 105 -1.11 -29.56 -15.90
N GLU B 106 -0.41 -28.83 -15.03
CA GLU B 106 1.04 -28.75 -15.13
C GLU B 106 1.70 -30.09 -14.83
N THR B 107 1.15 -30.83 -13.86
CA THR B 107 1.67 -32.17 -13.58
C THR B 107 1.43 -33.12 -14.74
N VAL B 108 0.24 -33.06 -15.36
CA VAL B 108 -0.05 -33.93 -16.48
C VAL B 108 0.80 -33.57 -17.69
N VAL B 109 1.08 -32.28 -17.89
CA VAL B 109 1.90 -31.85 -19.01
C VAL B 109 3.35 -32.29 -18.83
N GLU B 110 3.88 -32.20 -17.61
CA GLU B 110 5.25 -32.69 -17.38
C GLU B 110 5.33 -34.20 -17.49
N LEU B 111 4.27 -34.92 -17.10
CA LEU B 111 4.27 -36.37 -17.32
C LEU B 111 4.19 -36.73 -18.79
N LEU B 112 3.51 -35.91 -19.60
CA LEU B 112 3.48 -36.16 -21.04
C LEU B 112 4.82 -35.84 -21.69
N MET B 113 5.46 -34.75 -21.25
CA MET B 113 6.75 -34.37 -21.82
C MET B 113 7.88 -35.29 -21.39
N ASP B 114 7.72 -36.01 -20.28
CA ASP B 114 8.69 -37.07 -19.98
C ASP B 114 8.58 -38.21 -20.98
N SER B 115 7.40 -38.41 -21.56
CA SER B 115 7.21 -39.28 -22.70
C SER B 115 7.36 -38.46 -23.98
N GLY B 116 6.93 -38.99 -25.11
CA GLY B 116 6.99 -38.21 -26.34
C GLY B 116 5.76 -37.42 -26.68
N LEU B 117 4.71 -37.47 -25.87
CA LEU B 117 3.46 -36.79 -26.18
C LEU B 117 3.61 -35.29 -25.97
N LEU B 118 3.52 -34.53 -27.05
CA LEU B 118 3.65 -33.06 -26.96
C LEU B 118 2.93 -32.45 -28.14
N MET B 119 1.77 -31.83 -27.90
CA MET B 119 0.95 -31.30 -28.98
C MET B 119 1.42 -29.90 -29.39
N ILE B 120 1.31 -28.97 -28.44
CA ILE B 120 1.80 -27.58 -28.67
C ILE B 120 2.87 -27.30 -27.61
N ASP B 121 3.29 -26.04 -27.50
CA ASP B 121 4.26 -25.66 -26.49
C ASP B 121 3.76 -25.94 -25.06
N GLN B 122 4.67 -25.81 -24.11
CA GLN B 122 4.40 -26.27 -22.75
C GLN B 122 3.35 -25.40 -22.05
N THR B 123 3.38 -24.09 -22.30
CA THR B 123 2.39 -23.21 -21.68
C THR B 123 1.05 -23.22 -22.39
N ASN B 124 0.96 -23.79 -23.59
CA ASN B 124 -0.32 -23.94 -24.27
C ASN B 124 -0.96 -25.29 -24.05
N ASP B 125 -0.18 -26.29 -23.64
CA ASP B 125 -0.77 -27.57 -23.26
C ASP B 125 -1.44 -27.51 -21.91
N ILE B 126 -0.98 -26.60 -21.03
CA ILE B 126 -1.65 -26.39 -19.76
C ILE B 126 -3.00 -25.70 -19.98
N ARG B 127 -3.08 -24.83 -20.99
CA ARG B 127 -4.36 -24.21 -21.32
C ARG B 127 -5.33 -25.21 -21.91
N VAL B 128 -4.83 -26.21 -22.63
CA VAL B 128 -5.72 -27.20 -23.24
C VAL B 128 -6.18 -28.23 -22.22
N ILE B 129 -5.23 -28.81 -21.49
CA ILE B 129 -5.56 -29.82 -20.49
C ILE B 129 -6.30 -29.19 -19.31
N GLY B 130 -5.97 -27.96 -18.97
CA GLY B 130 -6.69 -27.27 -17.90
C GLY B 130 -8.12 -26.92 -18.26
N THR B 131 -8.40 -26.72 -19.55
CA THR B 131 -9.77 -26.44 -19.97
C THR B 131 -10.63 -27.70 -19.97
N ILE B 132 -10.05 -28.84 -20.37
CA ILE B 132 -10.80 -30.09 -20.37
C ILE B 132 -11.10 -30.53 -18.94
N THR B 133 -10.17 -30.31 -18.02
CA THR B 133 -10.36 -30.78 -16.66
C THR B 133 -11.20 -29.86 -15.81
N VAL B 134 -11.64 -28.71 -16.31
CA VAL B 134 -12.58 -27.87 -15.60
C VAL B 134 -13.99 -27.94 -16.19
N ILE B 135 -14.14 -28.41 -17.43
CA ILE B 135 -15.48 -28.72 -17.93
C ILE B 135 -15.88 -30.15 -17.61
N LEU B 136 -14.94 -30.98 -17.16
CA LEU B 136 -15.27 -32.28 -16.59
C LEU B 136 -15.51 -32.22 -15.10
N LEU B 137 -14.83 -31.30 -14.42
CA LEU B 137 -15.11 -31.05 -13.01
C LEU B 137 -16.44 -30.35 -12.83
N LEU B 138 -16.90 -29.62 -13.84
CA LEU B 138 -18.22 -29.01 -13.77
C LEU B 138 -19.33 -30.04 -13.91
N GLY B 139 -19.10 -31.09 -14.69
CA GLY B 139 -20.13 -32.11 -14.87
C GLY B 139 -20.33 -32.96 -13.63
N ILE B 140 -19.26 -33.20 -12.87
CA ILE B 140 -19.37 -33.94 -11.62
C ILE B 140 -20.15 -33.15 -10.58
N SER B 141 -19.97 -31.82 -10.58
CA SER B 141 -20.61 -30.99 -9.56
C SER B 141 -22.11 -30.85 -9.77
N VAL B 142 -22.60 -31.03 -10.99
CA VAL B 142 -24.03 -30.91 -11.26
C VAL B 142 -24.65 -32.24 -11.65
N ALA B 143 -23.89 -33.32 -11.68
CA ALA B 143 -24.51 -34.61 -11.97
C ALA B 143 -24.05 -35.76 -11.10
N GLY B 144 -22.99 -35.62 -10.31
CA GLY B 144 -22.46 -36.77 -9.58
C GLY B 144 -22.10 -36.50 -8.14
N MET B 145 -22.85 -35.63 -7.48
CA MET B 145 -22.55 -35.21 -6.12
C MET B 145 -22.82 -36.29 -5.07
N GLU B 146 -23.53 -37.35 -5.43
CA GLU B 146 -23.87 -38.38 -4.45
C GLU B 146 -22.67 -39.26 -4.12
N TRP B 147 -21.87 -39.62 -5.13
CA TRP B 147 -20.73 -40.50 -4.92
C TRP B 147 -19.56 -39.79 -4.24
N GLU B 148 -19.54 -38.45 -4.32
CA GLU B 148 -18.43 -37.67 -3.79
C GLU B 148 -18.37 -37.72 -2.27
N ALA B 149 -19.51 -37.95 -1.61
CA ALA B 149 -19.50 -38.10 -0.17
C ALA B 149 -18.91 -39.43 0.27
N LYS B 150 -18.88 -40.42 -0.62
CA LYS B 150 -18.25 -41.69 -0.30
C LYS B 150 -16.80 -41.75 -0.77
N ALA B 151 -16.45 -40.99 -1.80
CA ALA B 151 -15.12 -41.07 -2.39
C ALA B 151 -14.04 -40.35 -1.58
N GLN B 152 -14.42 -39.57 -0.56
CA GLN B 152 -13.42 -38.74 0.07
C GLN B 152 -12.51 -39.52 1.02
N ILE B 153 -12.99 -40.62 1.59
CA ILE B 153 -12.11 -41.45 2.41
C ILE B 153 -11.13 -42.21 1.51
N PHE B 154 -11.57 -42.47 0.28
CA PHE B 154 -10.72 -43.11 -0.74
C PHE B 154 -9.58 -42.13 -1.07
N LEU B 155 -9.94 -40.88 -1.35
CA LEU B 155 -8.97 -39.84 -1.68
C LEU B 155 -7.98 -39.61 -0.53
N LEU B 156 -8.45 -39.68 0.71
CA LEU B 156 -7.56 -39.46 1.83
C LEU B 156 -6.60 -40.64 2.03
N VAL B 157 -7.06 -41.87 1.79
CA VAL B 157 -6.11 -42.98 1.91
C VAL B 157 -5.22 -43.12 0.70
N ILE B 158 -5.52 -42.46 -0.41
CA ILE B 158 -4.52 -42.32 -1.47
C ILE B 158 -3.46 -41.31 -1.07
N LEU B 159 -3.90 -40.17 -0.52
CA LEU B 159 -3.00 -39.06 -0.20
C LEU B 159 -2.04 -39.41 0.93
N ILE B 160 -2.52 -40.08 1.97
CA ILE B 160 -1.63 -40.41 3.09
C ILE B 160 -0.65 -41.52 2.69
N THR B 161 -1.04 -42.42 1.79
CA THR B 161 -0.08 -43.38 1.26
C THR B 161 0.97 -42.71 0.39
N ALA B 162 0.61 -41.64 -0.32
CA ALA B 162 1.61 -40.86 -1.06
C ALA B 162 2.62 -40.21 -0.12
N ILE B 163 2.13 -39.63 0.98
CA ILE B 163 3.01 -38.97 1.95
C ILE B 163 3.94 -39.99 2.61
N PHE B 164 3.41 -41.16 2.98
CA PHE B 164 4.26 -42.18 3.56
C PHE B 164 5.24 -42.76 2.56
N ASN B 165 4.86 -42.81 1.28
CA ASN B 165 5.77 -43.25 0.23
C ASN B 165 6.96 -42.33 0.10
N TYR B 166 6.71 -41.01 0.13
CA TYR B 166 7.81 -40.05 0.09
C TYR B 166 8.70 -40.16 1.32
N PHE B 167 8.09 -40.24 2.51
CA PHE B 167 8.88 -40.20 3.73
C PHE B 167 9.67 -41.48 3.97
N ILE B 168 9.20 -42.62 3.47
CA ILE B 168 10.03 -43.82 3.58
C ILE B 168 10.94 -43.99 2.38
N GLY B 169 10.70 -43.28 1.28
CA GLY B 169 11.67 -43.30 0.21
C GLY B 169 12.84 -42.37 0.43
N SER B 170 12.69 -41.41 1.34
CA SER B 170 13.82 -40.54 1.68
C SER B 170 14.97 -41.32 2.32
N PHE B 171 14.67 -42.34 3.12
CA PHE B 171 15.71 -43.05 3.85
C PHE B 171 16.44 -44.08 2.99
N ILE B 172 15.96 -44.36 1.79
CA ILE B 172 16.55 -45.40 0.94
C ILE B 172 17.52 -44.71 -0.01
N ALA B 173 18.81 -44.84 0.27
CA ALA B 173 19.85 -44.26 -0.57
C ALA B 173 20.03 -45.11 -1.81
N VAL B 174 19.62 -44.59 -2.96
CA VAL B 174 19.77 -45.27 -4.24
C VAL B 174 20.84 -44.52 -5.03
N ASP B 175 21.82 -45.26 -5.56
CA ASP B 175 22.89 -44.65 -6.32
C ASP B 175 22.43 -44.15 -7.69
N SER B 176 21.33 -44.67 -8.20
CA SER B 176 20.79 -44.17 -9.46
C SER B 176 20.06 -42.85 -9.29
N LYS B 177 19.55 -42.55 -8.10
CA LYS B 177 18.82 -41.31 -7.87
C LYS B 177 19.75 -40.13 -7.68
N LYS B 178 21.01 -40.36 -7.32
CA LYS B 178 22.03 -39.33 -7.50
C LYS B 178 22.15 -38.99 -8.97
N LYS B 179 22.67 -37.80 -9.25
CA LYS B 179 22.67 -36.97 -10.46
C LYS B 179 21.33 -36.27 -10.67
N PHE B 180 20.30 -36.60 -9.92
CA PHE B 180 19.09 -35.78 -9.86
C PHE B 180 19.02 -35.01 -8.55
N GLY B 181 20.17 -34.74 -7.93
CA GLY B 181 20.15 -34.41 -6.53
C GLY B 181 19.92 -35.69 -5.75
N PHE B 182 19.35 -35.54 -4.57
CA PHE B 182 18.95 -36.65 -3.70
C PHE B 182 20.08 -37.61 -3.33
N PHE B 183 20.94 -37.18 -2.44
CA PHE B 183 21.75 -38.11 -1.68
C PHE B 183 20.93 -38.54 -0.46
N SER B 184 21.55 -39.21 0.50
CA SER B 184 20.82 -39.67 1.68
C SER B 184 20.59 -38.49 2.63
N TYR B 185 20.13 -38.79 3.84
CA TYR B 185 20.11 -37.78 4.88
C TYR B 185 21.55 -37.46 5.28
N ASP B 186 21.99 -36.25 5.00
CA ASP B 186 23.39 -35.86 5.19
C ASP B 186 23.45 -34.57 5.98
N ALA B 187 24.54 -34.41 6.74
CA ALA B 187 24.73 -33.19 7.49
C ALA B 187 25.26 -32.06 6.63
N GLY B 188 26.02 -32.39 5.59
CA GLY B 188 26.55 -31.36 4.71
C GLY B 188 25.46 -30.68 3.90
N ILE B 189 24.51 -31.45 3.40
CA ILE B 189 23.39 -30.89 2.65
C ILE B 189 22.46 -30.13 3.58
N LEU B 190 22.32 -30.57 4.83
CA LEU B 190 21.51 -29.85 5.81
C LEU B 190 22.13 -28.51 6.17
N ALA B 191 23.45 -28.46 6.30
CA ALA B 191 24.10 -27.19 6.58
C ALA B 191 24.14 -26.28 5.36
N GLU B 192 24.23 -26.85 4.16
CA GLU B 192 24.25 -26.03 2.96
C GLU B 192 22.88 -25.44 2.65
N ASN B 193 21.81 -26.19 2.85
CA ASN B 193 20.46 -25.70 2.58
C ASN B 193 19.89 -24.88 3.72
N PHE B 194 20.63 -24.64 4.79
CA PHE B 194 20.15 -23.85 5.93
C PHE B 194 20.56 -22.40 5.69
N GLY B 195 19.73 -21.69 4.94
CA GLY B 195 20.04 -20.33 4.61
C GLY B 195 19.58 -19.97 3.22
N PRO B 196 19.10 -18.74 3.05
CA PRO B 196 18.35 -18.39 1.85
C PRO B 196 19.23 -18.26 0.62
N ASP B 197 18.60 -18.45 -0.54
CA ASP B 197 19.25 -18.16 -1.81
C ASP B 197 18.49 -17.14 -2.64
N PHE B 198 17.18 -17.34 -2.80
CA PHE B 198 16.25 -16.38 -3.40
C PHE B 198 16.67 -16.00 -4.82
N ARG B 199 16.66 -17.02 -5.68
CA ARG B 199 17.17 -16.89 -7.05
C ARG B 199 16.05 -16.38 -7.95
N GLY B 200 15.68 -15.12 -7.73
CA GLY B 200 14.65 -14.45 -8.50
C GLY B 200 13.43 -14.05 -7.70
N GLN B 201 13.32 -14.47 -6.45
CA GLN B 201 12.19 -14.17 -5.58
C GLN B 201 12.67 -13.42 -4.35
N THR B 202 11.76 -13.23 -3.40
CA THR B 202 12.08 -12.66 -2.09
C THR B 202 11.27 -13.40 -1.04
N PHE B 203 11.61 -13.18 0.22
CA PHE B 203 10.66 -13.46 1.29
C PHE B 203 9.48 -12.52 1.10
N PHE B 204 8.28 -13.03 1.38
CA PHE B 204 6.94 -12.51 1.09
C PHE B 204 6.59 -12.61 -0.39
N SER B 205 7.50 -13.05 -1.24
CA SER B 205 7.13 -13.55 -2.55
C SER B 205 7.05 -15.06 -2.57
N VAL B 206 7.84 -15.73 -1.73
CA VAL B 206 7.73 -17.16 -1.51
C VAL B 206 6.59 -17.45 -0.54
N PHE B 207 6.34 -16.55 0.42
CA PHE B 207 5.20 -16.71 1.32
C PHE B 207 3.88 -16.63 0.58
N SER B 208 3.79 -15.78 -0.44
CA SER B 208 2.55 -15.64 -1.19
C SER B 208 2.25 -16.86 -2.03
N ILE B 209 3.26 -17.65 -2.36
CA ILE B 209 3.04 -18.90 -3.05
C ILE B 209 2.84 -20.05 -2.07
N PHE B 210 3.39 -19.97 -0.85
CA PHE B 210 3.10 -21.01 0.12
C PHE B 210 1.68 -20.90 0.66
N PHE B 211 1.23 -19.69 0.99
CA PHE B 211 0.01 -19.51 1.77
C PHE B 211 -1.27 -20.13 1.20
N PRO B 212 -1.46 -20.34 -0.12
CA PRO B 212 -2.58 -21.20 -0.54
C PRO B 212 -2.54 -22.63 -0.04
N ALA B 213 -1.39 -23.14 0.41
CA ALA B 213 -1.35 -24.46 1.02
C ALA B 213 -1.87 -24.47 2.43
N ALA B 214 -2.14 -23.33 3.04
CA ALA B 214 -2.70 -23.28 4.37
C ALA B 214 -4.17 -22.91 4.38
N THR B 215 -4.72 -22.46 3.25
CA THR B 215 -6.12 -22.11 3.17
C THR B 215 -6.97 -23.37 3.03
N GLY B 216 -8.28 -23.20 3.04
CA GLY B 216 -9.19 -24.30 2.99
C GLY B 216 -9.71 -24.76 4.33
N ILE B 217 -9.50 -23.97 5.38
CA ILE B 217 -9.90 -24.38 6.73
C ILE B 217 -11.38 -24.20 7.01
N LEU B 218 -12.10 -23.46 6.17
CA LEU B 218 -13.54 -23.31 6.35
C LEU B 218 -14.34 -24.34 5.57
N ALA B 219 -13.74 -25.50 5.30
CA ALA B 219 -14.46 -26.58 4.65
C ALA B 219 -15.31 -27.37 5.62
N GLY B 220 -15.07 -27.22 6.92
CA GLY B 220 -15.87 -27.88 7.93
C GLY B 220 -17.04 -27.03 8.35
N ALA B 221 -16.83 -25.72 8.41
CA ALA B 221 -17.91 -24.80 8.71
C ALA B 221 -18.83 -24.57 7.52
N ASN B 222 -18.43 -24.99 6.32
CA ASN B 222 -19.26 -24.81 5.14
C ASN B 222 -20.40 -25.81 5.05
N ILE B 223 -20.41 -26.77 5.99
CA ILE B 223 -21.50 -27.79 6.08
C ILE B 223 -21.95 -27.91 7.55
N SER B 224 -22.64 -26.90 8.09
CA SER B 224 -23.10 -26.98 9.46
C SER B 224 -24.51 -27.53 9.56
N GLY B 225 -25.26 -27.53 8.47
CA GLY B 225 -26.55 -28.15 8.43
C GLY B 225 -26.53 -29.63 8.19
N ASP B 226 -25.35 -30.20 7.92
CA ASP B 226 -25.20 -31.62 7.74
C ASP B 226 -24.41 -32.27 8.86
N LEU B 227 -24.13 -31.55 9.93
CA LEU B 227 -23.38 -32.09 11.05
C LEU B 227 -24.32 -32.54 12.16
N ALA B 228 -23.82 -33.43 13.02
CA ALA B 228 -24.60 -33.89 14.15
C ALA B 228 -24.72 -32.81 15.21
N ASP B 229 -23.59 -32.34 15.72
CA ASP B 229 -23.54 -31.31 16.76
C ASP B 229 -22.47 -30.31 16.37
N PRO B 230 -22.84 -29.21 15.70
CA PRO B 230 -21.82 -28.29 15.20
C PRO B 230 -21.09 -27.51 16.28
N GLN B 231 -21.63 -27.47 17.49
CA GLN B 231 -20.96 -26.76 18.61
C GLN B 231 -19.68 -27.50 19.03
N MET B 232 -19.61 -28.81 18.79
CA MET B 232 -18.41 -29.59 19.22
C MET B 232 -17.62 -30.12 18.03
N ALA B 233 -18.21 -30.14 16.83
CA ALA B 233 -17.52 -30.69 15.67
C ALA B 233 -16.66 -29.68 14.96
N ILE B 234 -17.08 -28.43 14.88
CA ILE B 234 -16.36 -27.42 14.12
C ILE B 234 -15.10 -26.93 14.86
N PRO B 235 -15.08 -26.63 16.17
CA PRO B 235 -13.79 -26.31 16.80
C PRO B 235 -12.85 -27.49 16.93
N LYS B 236 -13.34 -28.72 16.89
CA LYS B 236 -12.46 -29.87 17.06
C LYS B 236 -11.71 -30.19 15.78
N GLY B 237 -12.45 -30.46 14.70
CA GLY B 237 -11.83 -30.91 13.47
C GLY B 237 -11.01 -29.84 12.78
N THR B 238 -11.43 -28.58 12.86
CA THR B 238 -10.68 -27.50 12.22
C THR B 238 -9.32 -27.31 12.87
N LEU B 239 -9.31 -27.16 14.19
CA LEU B 239 -8.07 -26.93 14.91
C LEU B 239 -7.22 -28.19 15.03
N LEU B 240 -7.77 -29.37 14.74
CA LEU B 240 -6.92 -30.55 14.63
C LEU B 240 -6.32 -30.69 13.24
N ALA B 241 -7.10 -30.39 12.19
CA ALA B 241 -6.60 -30.48 10.83
C ALA B 241 -5.52 -29.46 10.55
N ILE B 242 -5.63 -28.28 11.15
CA ILE B 242 -4.60 -27.25 11.00
C ILE B 242 -3.27 -27.73 11.58
N LEU B 243 -3.32 -28.37 12.75
CA LEU B 243 -2.11 -28.88 13.39
C LEU B 243 -1.50 -30.02 12.61
N ILE B 244 -2.32 -30.96 12.13
CA ILE B 244 -1.82 -32.12 11.39
C ILE B 244 -1.16 -31.69 10.08
N THR B 245 -1.85 -30.83 9.31
CA THR B 245 -1.30 -30.42 8.03
C THR B 245 -0.08 -29.52 8.20
N GLY B 246 -0.05 -28.68 9.24
CA GLY B 246 1.14 -27.88 9.47
C GLY B 246 2.35 -28.71 9.86
N LEU B 247 2.14 -29.76 10.67
CA LEU B 247 3.26 -30.64 11.00
C LEU B 247 3.75 -31.43 9.80
N VAL B 248 2.84 -31.82 8.90
CA VAL B 248 3.29 -32.50 7.69
C VAL B 248 4.07 -31.56 6.78
N TYR B 249 3.68 -30.28 6.72
CA TYR B 249 4.43 -29.31 5.93
C TYR B 249 5.82 -29.07 6.50
N VAL B 250 5.94 -28.98 7.83
CA VAL B 250 7.25 -28.77 8.45
C VAL B 250 8.14 -30.00 8.25
N GLY B 251 7.57 -31.20 8.36
CA GLY B 251 8.33 -32.41 8.11
C GLY B 251 8.80 -32.54 6.67
N VAL B 252 7.93 -32.19 5.72
CA VAL B 252 8.29 -32.23 4.31
C VAL B 252 9.40 -31.22 4.01
N ALA B 253 9.32 -30.02 4.60
CA ALA B 253 10.32 -28.99 4.35
C ALA B 253 11.69 -29.39 4.90
N ILE B 254 11.74 -29.87 6.14
CA ILE B 254 13.02 -30.26 6.73
C ILE B 254 13.60 -31.48 6.04
N SER B 255 12.75 -32.46 5.72
CA SER B 255 13.22 -33.67 5.06
C SER B 255 13.67 -33.41 3.63
N ALA B 256 13.04 -32.46 2.93
CA ALA B 256 13.51 -32.13 1.59
C ALA B 256 14.80 -31.35 1.65
N GLY B 257 14.94 -30.46 2.62
CA GLY B 257 16.15 -29.65 2.69
C GLY B 257 17.37 -30.42 3.12
N ALA B 258 17.19 -31.48 3.90
CA ALA B 258 18.34 -32.19 4.44
C ALA B 258 18.79 -33.37 3.60
N CYS B 259 18.25 -33.56 2.40
CA CYS B 259 18.72 -34.66 1.58
C CYS B 259 18.83 -34.38 0.09
N ILE B 260 18.49 -33.17 -0.38
CA ILE B 260 18.55 -32.83 -1.80
C ILE B 260 19.38 -31.57 -1.94
N VAL B 261 20.30 -31.56 -2.91
CA VAL B 261 21.09 -30.37 -3.18
C VAL B 261 20.33 -29.42 -4.09
N ARG B 262 20.76 -28.16 -4.12
CA ARG B 262 20.00 -27.13 -4.81
C ARG B 262 20.10 -27.22 -6.32
N ASP B 263 21.26 -27.59 -6.87
CA ASP B 263 21.43 -27.73 -8.30
C ASP B 263 22.09 -29.07 -8.60
N ALA B 264 21.78 -29.63 -9.76
CA ALA B 264 22.32 -30.92 -10.17
C ALA B 264 22.17 -31.10 -11.67
N THR B 265 23.26 -31.46 -12.34
CA THR B 265 23.21 -31.90 -13.73
C THR B 265 22.78 -33.35 -13.79
N GLY B 266 21.90 -33.67 -14.72
CA GLY B 266 21.42 -35.04 -14.83
C GLY B 266 22.34 -36.01 -15.54
N ILE B 267 23.65 -35.88 -15.31
CA ILE B 267 24.68 -36.71 -15.93
C ILE B 267 25.45 -37.38 -14.81
N GLU B 268 25.57 -38.70 -14.87
CA GLU B 268 26.29 -39.42 -13.84
C GLU B 268 27.80 -39.25 -14.01
N SER B 269 28.51 -39.39 -12.91
CA SER B 269 29.97 -39.25 -12.89
C SER B 269 30.60 -40.56 -12.44
N ASN B 270 31.69 -40.94 -13.10
CA ASN B 270 32.36 -42.20 -12.79
C ASN B 270 33.14 -42.14 -11.49
N PHE B 271 33.46 -40.95 -11.00
CA PHE B 271 34.22 -40.82 -9.77
C PHE B 271 33.36 -41.12 -8.55
N THR B 272 34.02 -41.49 -7.46
CA THR B 272 33.37 -41.67 -6.17
C THR B 272 33.80 -40.64 -5.14
N LEU B 273 34.95 -40.00 -5.33
CA LEU B 273 35.35 -38.83 -4.55
C LEU B 273 36.11 -37.89 -5.46
N ILE B 274 35.56 -36.67 -5.62
CA ILE B 274 36.10 -35.61 -6.52
C ILE B 274 37.36 -34.96 -5.93
N SER B 275 38.20 -34.38 -6.80
CA SER B 275 39.41 -33.70 -6.36
C SER B 275 39.07 -32.56 -5.42
N ASN B 276 39.87 -32.41 -4.37
CA ASN B 276 39.56 -31.49 -3.26
C ASN B 276 39.84 -30.05 -3.70
N CYS B 277 38.94 -29.52 -4.51
CA CYS B 277 39.02 -28.15 -4.94
C CYS B 277 37.67 -27.44 -4.95
N THR B 278 36.59 -28.14 -4.61
CA THR B 278 35.26 -27.55 -4.61
C THR B 278 34.72 -27.37 -3.20
N ASP B 279 34.60 -28.47 -2.44
CA ASP B 279 33.97 -28.52 -1.11
C ASP B 279 32.58 -27.90 -1.15
N ALA B 280 31.71 -28.51 -1.94
CA ALA B 280 30.33 -28.11 -2.08
C ALA B 280 29.38 -29.22 -1.65
N ALA B 281 29.80 -29.97 -0.63
CA ALA B 281 29.06 -30.99 0.12
C ALA B 281 28.68 -32.22 -0.70
N CYS B 282 28.98 -32.28 -1.99
CA CYS B 282 28.78 -33.48 -2.77
C CYS B 282 30.13 -34.17 -2.90
N LYS B 283 30.53 -34.79 -1.80
CA LYS B 283 31.72 -35.62 -1.71
C LYS B 283 31.48 -37.04 -2.20
N TYR B 284 30.28 -37.33 -2.70
CA TYR B 284 29.90 -38.63 -3.21
C TYR B 284 30.36 -38.88 -4.63
N GLY B 285 31.22 -38.02 -5.16
CA GLY B 285 31.71 -38.17 -6.51
C GLY B 285 31.03 -37.32 -7.55
N TYR B 286 30.23 -36.34 -7.14
CA TYR B 286 29.49 -35.51 -8.06
C TYR B 286 29.95 -34.07 -7.94
N ASP B 287 30.25 -33.46 -9.07
CA ASP B 287 30.70 -32.09 -9.15
C ASP B 287 29.58 -31.28 -9.78
N PHE B 288 28.80 -30.60 -8.95
CA PHE B 288 27.62 -29.88 -9.41
C PHE B 288 27.90 -28.40 -9.62
N SER B 289 29.14 -28.05 -9.95
CA SER B 289 29.45 -26.74 -10.46
C SER B 289 29.10 -26.69 -11.95
N SER B 290 29.25 -25.49 -12.53
CA SER B 290 28.72 -25.10 -13.85
C SER B 290 27.21 -25.25 -13.92
N CYS B 291 26.53 -25.15 -12.79
CA CYS B 291 25.09 -25.00 -12.74
C CYS B 291 24.64 -23.89 -11.82
N ARG B 292 25.50 -23.43 -10.92
CA ARG B 292 25.22 -22.21 -10.18
C ARG B 292 25.26 -21.02 -11.13
N PRO B 293 24.33 -20.08 -11.00
CA PRO B 293 24.28 -18.97 -11.95
C PRO B 293 25.41 -17.99 -11.73
N THR B 294 25.85 -17.38 -12.83
CA THR B 294 27.02 -16.51 -12.79
C THR B 294 26.69 -15.16 -12.15
N VAL B 295 25.80 -14.41 -12.78
CA VAL B 295 25.38 -13.11 -12.26
C VAL B 295 24.29 -13.32 -11.23
N GLU B 296 23.96 -12.25 -10.50
CA GLU B 296 22.86 -12.26 -9.53
C GLU B 296 21.60 -11.65 -10.12
N GLY B 297 21.37 -11.86 -11.41
CA GLY B 297 20.18 -11.35 -12.06
C GLY B 297 19.60 -12.33 -13.05
N GLU B 298 19.84 -13.62 -12.82
CA GLU B 298 19.39 -14.66 -13.73
C GLU B 298 19.10 -15.93 -12.96
N VAL B 299 18.31 -16.80 -13.57
CA VAL B 299 18.02 -18.11 -13.04
C VAL B 299 19.09 -19.08 -13.53
N SER B 300 19.20 -20.22 -12.86
CA SER B 300 20.20 -21.21 -13.22
C SER B 300 19.81 -21.95 -14.49
N SER B 301 20.80 -22.22 -15.32
CA SER B 301 20.62 -23.04 -16.53
C SER B 301 20.91 -24.50 -16.24
N CYS B 302 20.28 -25.01 -15.19
CA CYS B 302 20.33 -26.40 -14.80
C CYS B 302 18.97 -27.02 -15.09
N LYS B 303 18.79 -28.26 -14.66
CA LYS B 303 17.56 -28.98 -14.94
C LYS B 303 17.00 -29.75 -13.75
N PHE B 304 17.77 -29.98 -12.70
CA PHE B 304 17.32 -30.77 -11.56
C PHE B 304 17.79 -30.08 -10.28
N GLY B 305 17.51 -30.71 -9.15
CA GLY B 305 17.80 -30.13 -7.86
C GLY B 305 16.57 -29.49 -7.23
N LEU B 306 16.79 -28.83 -6.09
CA LEU B 306 15.67 -28.19 -5.39
C LEU B 306 15.17 -26.96 -6.14
N HIS B 307 16.05 -26.28 -6.86
CA HIS B 307 15.69 -25.01 -7.48
C HIS B 307 14.95 -25.16 -8.80
N ASN B 308 15.03 -26.33 -9.44
CA ASN B 308 14.80 -26.37 -10.88
C ASN B 308 13.63 -27.23 -11.31
N ASP B 309 13.52 -28.47 -10.84
CA ASP B 309 12.74 -29.44 -11.61
C ASP B 309 11.27 -29.53 -11.23
N PHE B 310 10.87 -29.02 -10.05
CA PHE B 310 9.51 -28.94 -9.53
C PHE B 310 8.87 -30.28 -9.20
N GLN B 311 9.50 -31.41 -9.50
CA GLN B 311 8.89 -32.72 -9.31
C GLN B 311 9.85 -33.67 -8.62
N VAL B 312 10.72 -33.12 -7.76
CA VAL B 312 11.76 -33.95 -7.15
C VAL B 312 11.22 -34.85 -6.06
N MET B 313 9.99 -34.64 -5.59
CA MET B 313 9.40 -35.58 -4.66
C MET B 313 9.03 -36.91 -5.31
N SER B 314 8.82 -36.91 -6.63
CA SER B 314 8.66 -38.17 -7.34
C SER B 314 9.99 -38.90 -7.53
N VAL B 315 11.11 -38.18 -7.47
CA VAL B 315 12.41 -38.84 -7.55
C VAL B 315 12.78 -39.47 -6.22
N VAL B 316 12.50 -38.75 -5.12
CA VAL B 316 12.81 -39.25 -3.78
C VAL B 316 11.92 -40.45 -3.42
N SER B 317 10.72 -40.51 -3.97
CA SER B 317 9.73 -41.51 -3.61
C SER B 317 10.17 -42.93 -3.97
N GLY B 318 9.73 -43.88 -3.15
CA GLY B 318 10.11 -45.27 -3.38
C GLY B 318 9.47 -45.85 -4.63
N PHE B 319 8.19 -45.52 -4.81
CA PHE B 319 7.39 -45.91 -6.02
C PHE B 319 6.69 -44.66 -6.57
N SER B 320 7.40 -43.88 -7.39
CA SER B 320 6.97 -42.57 -7.94
C SER B 320 5.75 -42.57 -8.88
N PRO B 321 5.57 -43.53 -9.82
CA PRO B 321 4.50 -43.44 -10.82
C PRO B 321 3.02 -43.42 -10.42
N LEU B 322 2.66 -44.29 -9.48
CA LEU B 322 1.31 -44.52 -9.01
C LEU B 322 1.07 -43.92 -7.65
N ILE B 323 2.01 -44.08 -6.72
CA ILE B 323 1.73 -43.61 -5.38
C ILE B 323 1.95 -42.11 -5.29
N SER B 324 2.98 -41.57 -5.94
CA SER B 324 3.14 -40.13 -5.95
C SER B 324 2.30 -39.45 -7.03
N ALA B 325 1.39 -40.19 -7.66
CA ALA B 325 0.24 -39.65 -8.37
C ALA B 325 -0.96 -39.49 -7.45
N GLY B 326 -0.72 -39.22 -6.16
CA GLY B 326 -1.63 -38.57 -5.26
C GLY B 326 -1.70 -37.08 -5.45
N ILE B 327 -0.88 -36.53 -6.36
CA ILE B 327 -1.05 -35.17 -6.84
C ILE B 327 -2.43 -35.00 -7.45
N PHE B 328 -2.87 -36.01 -8.20
CA PHE B 328 -4.18 -35.96 -8.83
C PHE B 328 -5.28 -35.98 -7.78
N SER B 329 -5.10 -36.79 -6.74
CA SER B 329 -6.06 -36.85 -5.64
C SER B 329 -6.15 -35.53 -4.89
N ALA B 330 -5.00 -34.95 -4.55
CA ALA B 330 -4.97 -33.70 -3.79
C ALA B 330 -5.54 -32.54 -4.58
N THR B 331 -5.06 -32.35 -5.82
CA THR B 331 -5.50 -31.22 -6.62
C THR B 331 -6.97 -31.34 -7.02
N LEU B 332 -7.41 -32.53 -7.44
CA LEU B 332 -8.80 -32.66 -7.87
C LEU B 332 -9.76 -32.63 -6.70
N SER B 333 -9.37 -33.13 -5.52
CA SER B 333 -10.23 -33.02 -4.35
C SER B 333 -10.37 -31.57 -3.91
N SER B 334 -9.28 -30.81 -3.93
CA SER B 334 -9.38 -29.41 -3.52
C SER B 334 -10.14 -28.58 -4.55
N ALA B 335 -9.95 -28.86 -5.85
CA ALA B 335 -10.68 -28.14 -6.88
C ALA B 335 -12.16 -28.46 -6.87
N LEU B 336 -12.51 -29.72 -6.56
CA LEU B 336 -13.91 -30.08 -6.50
C LEU B 336 -14.56 -29.55 -5.22
N ALA B 337 -13.80 -29.44 -4.13
CA ALA B 337 -14.35 -28.83 -2.93
C ALA B 337 -14.53 -27.33 -3.09
N SER B 338 -13.72 -26.69 -3.93
CA SER B 338 -13.90 -25.26 -4.17
C SER B 338 -14.88 -24.96 -5.31
N LEU B 339 -15.22 -25.95 -6.14
CA LEU B 339 -16.22 -25.71 -7.17
C LEU B 339 -17.64 -25.83 -6.63
N VAL B 340 -17.85 -26.51 -5.51
CA VAL B 340 -19.19 -26.63 -4.94
C VAL B 340 -19.42 -25.67 -3.79
N SER B 341 -18.38 -25.00 -3.32
CA SER B 341 -18.48 -24.12 -2.16
C SER B 341 -18.61 -22.66 -2.52
N ALA B 342 -18.18 -22.26 -3.70
CA ALA B 342 -18.35 -20.89 -4.15
C ALA B 342 -19.76 -20.59 -4.69
N PRO B 343 -20.45 -21.45 -5.46
CA PRO B 343 -21.86 -21.14 -5.76
C PRO B 343 -22.78 -21.34 -4.59
N LYS B 344 -22.39 -22.15 -3.60
CA LYS B 344 -23.24 -22.37 -2.44
C LYS B 344 -23.35 -21.10 -1.59
N VAL B 345 -22.19 -20.51 -1.28
CA VAL B 345 -22.13 -19.26 -0.52
C VAL B 345 -22.80 -18.13 -1.30
N PHE B 346 -22.57 -18.09 -2.61
CA PHE B 346 -23.15 -17.04 -3.44
C PHE B 346 -24.65 -17.20 -3.60
N GLN B 347 -25.16 -18.43 -3.64
CA GLN B 347 -26.61 -18.59 -3.70
C GLN B 347 -27.25 -18.27 -2.36
N ALA B 348 -26.58 -18.58 -1.25
CA ALA B 348 -27.12 -18.19 0.04
C ALA B 348 -27.08 -16.68 0.23
N LEU B 349 -26.13 -16.00 -0.39
CA LEU B 349 -26.07 -14.55 -0.33
C LEU B 349 -27.09 -13.90 -1.25
N CYS B 350 -27.36 -14.50 -2.40
CA CYS B 350 -28.32 -13.92 -3.33
C CYS B 350 -29.77 -14.20 -2.96
N LYS B 351 -30.03 -14.93 -1.88
CA LYS B 351 -31.40 -15.10 -1.40
C LYS B 351 -31.81 -14.02 -0.43
N ASP B 352 -30.89 -13.46 0.34
CA ASP B 352 -31.13 -12.21 1.05
C ASP B 352 -30.79 -11.08 0.11
N ASN B 353 -31.78 -10.28 -0.27
CA ASN B 353 -31.54 -9.22 -1.24
C ASN B 353 -30.77 -8.09 -0.58
N ILE B 354 -29.47 -8.31 -0.41
CA ILE B 354 -28.58 -7.32 0.18
C ILE B 354 -28.01 -6.41 -0.89
N TYR B 355 -27.36 -7.00 -1.89
CA TYR B 355 -26.83 -6.33 -3.05
C TYR B 355 -27.83 -6.39 -4.19
N PRO B 356 -28.01 -5.30 -4.93
CA PRO B 356 -29.20 -5.16 -5.78
C PRO B 356 -29.29 -6.09 -6.98
N GLY B 357 -28.27 -6.12 -7.82
CA GLY B 357 -28.48 -6.70 -9.13
C GLY B 357 -28.18 -8.17 -9.27
N ILE B 358 -27.63 -8.79 -8.24
CA ILE B 358 -27.06 -10.13 -8.40
C ILE B 358 -28.11 -11.19 -8.09
N ALA B 359 -29.37 -10.79 -7.98
CA ALA B 359 -30.41 -11.67 -7.47
C ALA B 359 -30.78 -12.81 -8.42
N ILE B 360 -30.28 -12.81 -9.65
CA ILE B 360 -30.62 -13.87 -10.59
C ILE B 360 -29.77 -15.11 -10.39
N PHE B 361 -28.67 -15.02 -9.65
CA PHE B 361 -27.86 -16.20 -9.36
C PHE B 361 -28.30 -16.88 -8.07
N GLY B 362 -29.60 -17.07 -7.90
CA GLY B 362 -30.09 -17.71 -6.70
C GLY B 362 -31.13 -18.75 -7.02
N LYS B 363 -31.58 -18.76 -8.27
CA LYS B 363 -32.66 -19.63 -8.71
C LYS B 363 -32.09 -21.01 -8.96
N GLY B 364 -32.20 -21.89 -7.97
CA GLY B 364 -31.65 -23.22 -8.10
C GLY B 364 -32.50 -24.13 -8.95
N TYR B 365 -31.97 -24.54 -10.10
CA TYR B 365 -32.67 -25.49 -10.94
C TYR B 365 -32.62 -26.89 -10.32
N GLY B 366 -33.62 -27.68 -10.64
CA GLY B 366 -33.66 -29.06 -10.19
C GLY B 366 -34.40 -29.25 -8.88
N LYS B 367 -34.10 -30.37 -8.24
CA LYS B 367 -34.80 -30.82 -7.03
C LYS B 367 -34.11 -30.40 -5.75
N ASN B 368 -32.78 -30.34 -5.74
CA ASN B 368 -32.03 -29.90 -4.59
C ASN B 368 -31.75 -28.40 -4.61
N ASN B 369 -32.27 -27.70 -5.63
CA ASN B 369 -32.04 -26.27 -5.86
C ASN B 369 -30.55 -25.93 -5.92
N GLU B 370 -29.83 -26.69 -6.73
CA GLU B 370 -28.43 -26.38 -6.96
C GLU B 370 -28.33 -25.16 -7.86
N PRO B 371 -27.53 -24.17 -7.52
CA PRO B 371 -27.51 -22.94 -8.31
C PRO B 371 -26.74 -23.11 -9.61
N LEU B 372 -27.46 -23.25 -10.72
CA LEU B 372 -26.77 -23.55 -11.97
C LEU B 372 -26.14 -22.32 -12.58
N ARG B 373 -26.79 -21.16 -12.44
CA ARG B 373 -26.17 -19.92 -12.88
C ARG B 373 -24.95 -19.59 -12.03
N GLY B 374 -24.97 -19.96 -10.75
CA GLY B 374 -23.79 -19.80 -9.92
C GLY B 374 -22.65 -20.71 -10.33
N TYR B 375 -22.99 -21.95 -10.71
CA TYR B 375 -21.97 -22.88 -11.20
C TYR B 375 -21.37 -22.39 -12.51
N PHE B 376 -22.18 -21.80 -13.39
CA PHE B 376 -21.63 -21.32 -14.65
C PHE B 376 -20.83 -20.04 -14.46
N LEU B 377 -21.19 -19.20 -13.49
CA LEU B 377 -20.39 -18.02 -13.18
C LEU B 377 -19.05 -18.41 -12.56
N THR B 378 -19.04 -19.41 -11.67
CA THR B 378 -17.79 -19.90 -11.10
C THR B 378 -16.92 -20.53 -12.17
N PHE B 379 -17.53 -21.28 -13.09
CA PHE B 379 -16.80 -21.84 -14.22
C PHE B 379 -16.21 -20.76 -15.12
N GLY B 380 -16.92 -19.64 -15.32
CA GLY B 380 -16.37 -18.56 -16.11
C GLY B 380 -15.22 -17.84 -15.43
N ILE B 381 -15.35 -17.57 -14.13
CA ILE B 381 -14.28 -16.90 -13.39
C ILE B 381 -13.06 -17.80 -13.27
N ALA B 382 -13.27 -19.12 -13.16
CA ALA B 382 -12.14 -20.04 -13.12
C ALA B 382 -11.47 -20.15 -14.47
N LEU B 383 -12.25 -20.26 -15.55
CA LEU B 383 -11.68 -20.40 -16.88
C LEU B 383 -10.99 -19.13 -17.36
N ALA B 384 -11.34 -17.97 -16.81
CA ALA B 384 -10.58 -16.77 -17.14
C ALA B 384 -9.17 -16.82 -16.56
N PHE B 385 -9.00 -17.46 -15.40
CA PHE B 385 -7.69 -17.53 -14.76
C PHE B 385 -6.90 -18.78 -15.14
N ILE B 386 -7.54 -19.80 -15.71
CA ILE B 386 -6.79 -20.96 -16.19
C ILE B 386 -5.95 -20.57 -17.41
N LEU B 387 -6.43 -19.62 -18.20
CA LEU B 387 -5.67 -19.15 -19.37
C LEU B 387 -4.39 -18.41 -19.00
N ILE B 388 -4.20 -18.01 -17.74
CA ILE B 388 -2.87 -17.64 -17.24
C ILE B 388 -2.25 -18.94 -16.77
N ALA B 389 -1.64 -19.67 -17.71
CA ALA B 389 -1.22 -21.04 -17.44
C ALA B 389 0.11 -21.10 -16.70
N GLU B 390 0.15 -20.48 -15.54
CA GLU B 390 1.36 -20.41 -14.73
C GLU B 390 0.94 -20.32 -13.27
N LEU B 391 1.44 -21.24 -12.45
CA LEU B 391 0.99 -21.33 -11.07
C LEU B 391 1.53 -20.19 -10.22
N ASN B 392 2.75 -19.73 -10.49
CA ASN B 392 3.40 -18.74 -9.66
C ASN B 392 2.83 -17.34 -9.84
N VAL B 393 1.97 -17.12 -10.82
CA VAL B 393 1.23 -15.87 -10.91
C VAL B 393 -0.24 -16.02 -10.48
N ILE B 394 -0.78 -17.23 -10.48
CA ILE B 394 -2.12 -17.42 -9.93
C ILE B 394 -2.08 -17.37 -8.41
N ALA B 395 -1.08 -18.01 -7.81
CA ALA B 395 -1.08 -18.21 -6.36
C ALA B 395 -1.01 -16.95 -5.49
N PRO B 396 -0.31 -15.86 -5.86
CA PRO B 396 -0.45 -14.64 -5.04
C PRO B 396 -1.83 -13.99 -5.09
N ILE B 397 -2.61 -14.22 -6.15
CA ILE B 397 -3.98 -13.68 -6.20
C ILE B 397 -4.85 -14.39 -5.17
N ILE B 398 -4.73 -15.72 -5.11
CA ILE B 398 -5.49 -16.51 -4.15
C ILE B 398 -5.05 -16.18 -2.74
N SER B 399 -3.75 -15.92 -2.57
CA SER B 399 -3.24 -15.53 -1.26
C SER B 399 -3.80 -14.19 -0.82
N ASN B 400 -3.92 -13.24 -1.75
CA ASN B 400 -4.52 -11.94 -1.45
C ASN B 400 -5.98 -12.06 -1.03
N PHE B 401 -6.79 -12.81 -1.77
CA PHE B 401 -8.21 -12.88 -1.43
C PHE B 401 -8.48 -13.73 -0.19
N PHE B 402 -7.68 -14.76 0.08
CA PHE B 402 -7.90 -15.50 1.30
C PHE B 402 -7.39 -14.76 2.53
N LEU B 403 -6.31 -13.98 2.41
CA LEU B 403 -5.93 -13.12 3.51
C LEU B 403 -6.97 -12.04 3.76
N ALA B 404 -7.64 -11.55 2.71
CA ALA B 404 -8.71 -10.58 2.90
C ALA B 404 -9.90 -11.19 3.62
N SER B 405 -10.31 -12.40 3.24
CA SER B 405 -11.46 -13.04 3.90
C SER B 405 -11.16 -13.38 5.35
N TYR B 406 -9.95 -13.85 5.64
CA TYR B 406 -9.60 -14.19 7.02
C TYR B 406 -9.45 -12.94 7.88
N ALA B 407 -8.93 -11.85 7.31
CA ALA B 407 -8.87 -10.59 8.02
C ALA B 407 -10.25 -10.05 8.33
N LEU B 408 -11.19 -10.22 7.40
CA LEU B 408 -12.56 -9.77 7.64
C LEU B 408 -13.23 -10.58 8.74
N ILE B 409 -12.98 -11.89 8.79
CA ILE B 409 -13.58 -12.73 9.83
C ILE B 409 -13.04 -12.35 11.20
N ASN B 410 -11.72 -12.17 11.30
CA ASN B 410 -11.12 -11.80 12.58
C ASN B 410 -11.55 -10.41 13.04
N PHE B 411 -11.64 -9.46 12.11
CA PHE B 411 -12.07 -8.13 12.50
C PHE B 411 -13.55 -8.10 12.84
N SER B 412 -14.37 -8.95 12.22
CA SER B 412 -15.79 -8.95 12.54
C SER B 412 -16.04 -9.52 13.93
N VAL B 413 -15.31 -10.57 14.32
CA VAL B 413 -15.53 -11.06 15.68
C VAL B 413 -14.92 -10.12 16.72
N PHE B 414 -13.82 -9.42 16.38
CA PHE B 414 -13.32 -8.40 17.32
C PHE B 414 -14.30 -7.26 17.47
N HIS B 415 -14.89 -6.80 16.37
CA HIS B 415 -15.81 -5.67 16.42
C HIS B 415 -17.10 -6.04 17.11
N ALA B 416 -17.55 -7.30 16.98
CA ALA B 416 -18.74 -7.70 17.71
C ALA B 416 -18.46 -7.87 19.20
N SER B 417 -17.26 -8.30 19.57
CA SER B 417 -16.94 -8.35 21.00
C SER B 417 -16.76 -6.96 21.58
N LEU B 418 -16.22 -6.03 20.80
CA LEU B 418 -15.96 -4.68 21.31
C LEU B 418 -17.24 -3.86 21.40
N ALA B 419 -18.08 -3.95 20.37
CA ALA B 419 -19.28 -3.13 20.29
C ALA B 419 -20.38 -3.58 21.24
N ASN B 420 -20.23 -4.75 21.86
CA ASN B 420 -21.25 -5.41 22.68
C ASN B 420 -22.55 -5.56 21.89
N SER B 421 -22.45 -6.40 20.85
CA SER B 421 -23.58 -6.71 19.99
C SER B 421 -24.67 -7.42 20.81
N PRO B 422 -25.95 -7.32 20.38
CA PRO B 422 -27.02 -7.87 21.21
C PRO B 422 -27.03 -9.39 21.32
N GLY B 423 -26.77 -10.11 20.24
CA GLY B 423 -26.82 -11.55 20.32
C GLY B 423 -25.48 -12.23 20.21
N TRP B 424 -24.46 -11.68 20.87
CA TRP B 424 -23.08 -12.17 20.71
C TRP B 424 -22.57 -12.62 22.07
N ARG B 425 -22.68 -13.93 22.32
CA ARG B 425 -22.14 -14.56 23.56
C ARG B 425 -21.37 -15.80 23.14
N PRO B 426 -20.12 -15.68 22.63
CA PRO B 426 -19.39 -16.83 22.10
C PRO B 426 -18.81 -17.77 23.15
N SER B 427 -19.57 -18.78 23.56
CA SER B 427 -19.06 -19.72 24.55
C SER B 427 -18.02 -20.68 23.99
N PHE B 428 -16.85 -20.17 23.63
CA PHE B 428 -15.72 -20.99 23.21
C PHE B 428 -14.54 -20.66 24.11
N LYS B 429 -13.82 -21.70 24.53
CA LYS B 429 -12.86 -21.55 25.63
C LYS B 429 -11.62 -20.79 25.21
N TYR B 430 -11.23 -20.85 23.94
CA TYR B 430 -9.97 -20.28 23.48
C TYR B 430 -10.20 -19.15 22.49
N TYR B 431 -11.18 -18.30 22.77
CA TYR B 431 -11.44 -17.12 21.97
C TYR B 431 -11.14 -15.88 22.79
N ASN B 432 -10.34 -14.99 22.23
CA ASN B 432 -10.02 -13.71 22.84
C ASN B 432 -10.12 -12.66 21.74
N MET B 433 -10.66 -11.49 22.06
CA MET B 433 -10.89 -10.50 21.02
C MET B 433 -9.60 -9.84 20.57
N TRP B 434 -8.59 -9.78 21.45
CA TRP B 434 -7.34 -9.15 21.06
C TRP B 434 -6.49 -10.06 20.21
N ALA B 435 -6.65 -11.38 20.35
CA ALA B 435 -6.03 -12.30 19.41
C ALA B 435 -6.65 -12.18 18.02
N SER B 436 -7.96 -11.95 17.95
CA SER B 436 -8.60 -11.73 16.67
C SER B 436 -8.17 -10.41 16.05
N LEU B 437 -8.02 -9.37 16.85
CA LEU B 437 -7.52 -8.10 16.32
C LEU B 437 -6.09 -8.23 15.81
N ALA B 438 -5.25 -8.98 16.53
CA ALA B 438 -3.88 -9.20 16.09
C ALA B 438 -3.84 -10.00 14.79
N GLY B 439 -4.71 -10.98 14.65
CA GLY B 439 -4.78 -11.74 13.42
C GLY B 439 -5.28 -10.92 12.24
N ALA B 440 -6.22 -10.01 12.47
CA ALA B 440 -6.72 -9.17 11.39
C ALA B 440 -5.67 -8.16 10.94
N ILE B 441 -4.96 -7.55 11.90
CA ILE B 441 -3.90 -6.60 11.55
C ILE B 441 -2.76 -7.31 10.83
N LEU B 442 -2.42 -8.53 11.27
CA LEU B 442 -1.36 -9.30 10.63
C LEU B 442 -1.73 -9.71 9.22
N CYS B 443 -2.98 -10.12 8.99
CA CYS B 443 -3.41 -10.48 7.64
C CYS B 443 -3.45 -9.26 6.71
N CYS B 444 -3.88 -8.10 7.23
CA CYS B 444 -3.93 -6.90 6.40
C CYS B 444 -2.53 -6.40 6.04
N VAL B 445 -1.60 -6.44 7.00
CA VAL B 445 -0.25 -5.97 6.73
C VAL B 445 0.48 -6.91 5.78
N VAL B 446 0.28 -8.23 5.92
CA VAL B 446 0.90 -9.17 5.00
C VAL B 446 0.30 -9.04 3.60
N MET B 447 -1.01 -8.80 3.52
CA MET B 447 -1.68 -8.57 2.24
C MET B 447 -1.16 -7.32 1.55
N PHE B 448 -0.75 -6.31 2.32
CA PHE B 448 -0.14 -5.13 1.70
C PHE B 448 1.32 -5.33 1.34
N ILE B 449 2.07 -6.14 2.11
CA ILE B 449 3.47 -6.40 1.77
C ILE B 449 3.58 -7.22 0.49
N ILE B 450 2.66 -8.16 0.29
CA ILE B 450 2.69 -9.04 -0.89
C ILE B 450 2.49 -8.24 -2.17
N ASN B 451 1.47 -7.39 -2.20
CA ASN B 451 1.18 -6.58 -3.39
C ASN B 451 0.30 -5.42 -2.94
N TRP B 452 0.82 -4.19 -2.99
CA TRP B 452 0.11 -3.10 -2.34
C TRP B 452 -1.08 -2.60 -3.13
N TRP B 453 -1.05 -2.63 -4.45
CA TRP B 453 -2.17 -2.06 -5.18
C TRP B 453 -3.35 -3.02 -5.27
N ALA B 454 -3.10 -4.32 -5.31
CA ALA B 454 -4.18 -5.29 -5.19
C ALA B 454 -4.79 -5.27 -3.80
N ALA B 455 -3.97 -5.05 -2.78
CA ALA B 455 -4.47 -4.90 -1.43
C ALA B 455 -5.31 -3.64 -1.28
N LEU B 456 -4.87 -2.54 -1.90
CA LEU B 456 -5.63 -1.30 -1.84
C LEU B 456 -6.96 -1.43 -2.57
N LEU B 457 -6.97 -2.11 -3.70
CA LEU B 457 -8.21 -2.39 -4.41
C LEU B 457 -9.17 -3.22 -3.59
N THR B 458 -8.66 -4.30 -2.97
CA THR B 458 -9.52 -5.18 -2.18
C THR B 458 -10.07 -4.48 -0.94
N ASN B 459 -9.25 -3.65 -0.29
CA ASN B 459 -9.70 -2.94 0.90
C ASN B 459 -10.71 -1.86 0.56
N VAL B 460 -10.54 -1.18 -0.58
CA VAL B 460 -11.50 -0.17 -1.00
C VAL B 460 -12.83 -0.82 -1.38
N ILE B 461 -12.78 -1.98 -2.04
CA ILE B 461 -14.00 -2.70 -2.40
C ILE B 461 -14.75 -3.16 -1.16
N VAL B 462 -14.03 -3.68 -0.16
CA VAL B 462 -14.67 -4.15 1.06
C VAL B 462 -15.24 -3.00 1.88
N LEU B 463 -14.55 -1.86 1.91
CA LEU B 463 -15.08 -0.68 2.58
C LEU B 463 -16.33 -0.15 1.89
N SER B 464 -16.36 -0.18 0.56
CA SER B 464 -17.54 0.25 -0.18
C SER B 464 -18.71 -0.69 0.06
N LEU B 465 -18.47 -1.99 0.09
CA LEU B 465 -19.54 -2.94 0.37
C LEU B 465 -20.01 -2.89 1.82
N TYR B 466 -19.19 -2.39 2.74
CA TYR B 466 -19.67 -2.20 4.11
C TYR B 466 -20.54 -0.95 4.22
N ILE B 467 -20.07 0.17 3.65
CA ILE B 467 -20.82 1.41 3.71
C ILE B 467 -22.10 1.35 2.88
N TYR B 468 -22.17 0.49 1.86
CA TYR B 468 -23.41 0.34 1.12
C TYR B 468 -24.48 -0.33 1.97
N VAL B 469 -24.14 -1.41 2.66
CA VAL B 469 -25.14 -2.13 3.44
C VAL B 469 -25.48 -1.42 4.73
N SER B 470 -24.59 -0.56 5.24
CA SER B 470 -24.92 0.20 6.45
C SER B 470 -26.04 1.19 6.19
N TYR B 471 -25.92 2.02 5.17
CA TYR B 471 -26.93 3.00 4.85
C TYR B 471 -27.78 2.53 3.67
N LYS B 472 -28.65 1.56 3.96
CA LYS B 472 -29.60 1.05 2.98
C LYS B 472 -31.01 1.25 3.51
N POV C . -29.64 6.89 1.87
P POV C . -28.33 7.07 -2.50
C1 POV C . -26.64 5.02 -2.28
C2 POV C . -25.20 4.75 -2.76
C3 POV C . -25.29 4.27 -4.21
C210 POV C . -12.93 5.22 0.76
C310 POV C . -18.04 -2.49 -5.43
C11 POV C . -30.14 7.08 -0.59
O11 POV C . -27.20 5.99 -3.14
C211 POV C . -11.68 6.08 0.46
C311 POV C . -17.71 -2.79 -6.95
C12 POV C . -30.46 6.35 0.75
O12 POV C . -29.37 6.27 -1.48
C212 POV C . -10.93 6.27 1.82
C312 POV C . -18.31 -4.18 -7.35
C13 POV C . -28.25 6.46 1.69
O13 POV C . -27.63 8.17 -1.73
C213 POV C . -11.29 7.67 2.42
C313 POV C . -17.87 -5.29 -6.33
C14 POV C . -29.70 8.36 1.95
O14 POV C . -29.11 7.70 -3.64
C214 POV C . -9.97 8.43 2.71
C314 POV C . -18.62 -6.64 -6.64
C15 POV C . -30.15 6.35 3.13
C215 POV C . -9.61 8.31 4.22
C315 POV C . -17.63 -7.63 -7.32
C216 POV C . -8.12 8.64 4.41
C316 POV C . -16.57 -8.11 -6.29
C217 POV C . -7.79 8.60 5.91
C218 POV C . -6.29 8.84 6.14
C21 POV C . -23.43 4.12 -1.32
O21 POV C . -24.63 3.74 -1.99
C22 POV C . -22.23 4.72 -2.08
O22 POV C . -23.33 3.97 -0.16
C23 POV C . -21.02 3.76 -1.81
C24 POV C . -20.06 4.41 -0.77
C25 POV C . -18.63 4.42 -1.40
C26 POV C . -17.57 4.28 -0.27
C27 POV C . -16.16 4.41 -0.93
C28 POV C . -15.05 4.10 0.13
C29 POV C . -13.82 4.94 -0.21
C31 POV C . -26.08 2.38 -5.46
O31 POV C . -26.26 3.26 -4.34
C32 POV C . -24.69 1.75 -5.78
O32 POV C . -27.00 2.14 -6.17
C33 POV C . -24.60 0.31 -5.15
C34 POV C . -23.11 -0.19 -5.06
C35 POV C . -22.18 0.96 -4.55
C36 POV C . -20.96 0.39 -3.71
C37 POV C . -20.26 -0.74 -4.49
C38 POV C . -19.10 -0.16 -5.36
C39 POV C . -17.79 -0.97 -5.12
N POV D . 10.34 5.62 -0.65
P POV D . 6.97 3.40 -3.87
C1 POV D . 6.01 1.38 -5.31
C2 POV D . 5.93 1.30 -6.86
C3 POV D . 5.13 2.49 -7.41
C210 POV D . -4.16 2.33 -8.57
C310 POV D . -0.37 5.92 -12.92
C11 POV D . 8.44 4.69 -2.04
O11 POV D . 7.17 2.04 -4.87
C211 POV D . -4.15 1.68 -7.17
C311 POV D . -1.58 5.51 -11.98
C12 POV D . 9.40 4.47 -0.84
O12 POV D . 8.07 3.42 -2.62
C212 POV D . -5.39 0.73 -7.04
C312 POV D . -2.54 6.75 -11.84
C13 POV D . 11.05 5.95 -1.90
O13 POV D . 5.57 3.36 -3.31
C213 POV D . -6.70 1.55 -7.17
C313 POV D . -3.54 6.48 -10.65
C14 POV D . 9.62 6.82 -0.20
O14 POV D . 7.14 4.66 -4.71
C214 POV D . -7.55 1.33 -5.87
C314 POV D . -4.65 7.60 -10.65
C15 POV D . 11.31 5.25 0.39
C215 POV D . -8.68 2.41 -5.79
C315 POV D . -4.05 8.95 -10.15
C216 POV D . -9.59 2.29 -7.01
C316 POV D . -4.21 10.04 -11.25
C217 POV D . -9.94 3.70 -7.52
C218 POV D . -9.97 3.70 -9.06
C21 POV D . 5.54 -0.35 -8.55
O21 POV D . 5.29 0.11 -7.21
C22 POV D . 4.59 -1.41 -9.17
O22 POV D . 6.47 0.05 -9.17
C23 POV D . 3.75 -0.76 -10.33
C24 POV D . 3.04 0.53 -9.77
C25 POV D . 1.49 0.30 -9.77
C26 POV D . 0.78 1.59 -9.23
C27 POV D . -0.66 1.70 -9.85
C28 POV D . -1.67 1.95 -8.68
C29 POV D . -3.01 2.46 -9.26
C31 POV D . 6.28 4.46 -8.21
O31 POV D . 5.77 3.71 -7.11
C32 POV D . 6.86 3.74 -9.47
O32 POV D . 6.28 5.64 -8.17
C33 POV D . 6.94 4.73 -10.69
C34 POV D . 5.50 4.91 -11.35
C35 POV D . 4.85 3.51 -11.62
C36 POV D . 3.31 3.65 -11.93
C37 POV D . 2.64 4.59 -10.90
C38 POV D . 1.11 4.72 -11.18
C39 POV D . 0.84 4.97 -12.71
N POV E . -27.71 16.82 -2.46
P POV E . -28.30 12.29 -4.59
C1 POV E . -27.49 12.42 -7.13
C2 POV E . -27.86 11.03 -7.74
C3 POV E . -27.05 9.93 -7.02
C210 POV E . -16.36 8.83 -7.98
C310 POV E . -17.15 4.38 -5.47
C11 POV E . -27.55 14.61 -3.53
O11 POV E . -27.10 12.27 -5.78
C211 POV E . -15.51 7.71 -7.35
C311 POV E . -16.52 3.01 -4.95
C12 POV E . -28.16 15.41 -2.37
O12 POV E . -27.78 13.20 -3.30
C212 POV E . -14.47 7.24 -8.43
C312 POV E . -14.97 3.16 -4.94
C13 POV E . -28.03 17.99 -1.62
O13 POV E . -28.57 10.89 -4.14
C213 POV E . -13.08 7.87 -8.14
C313 POV E . -14.47 3.44 -6.39
C14 POV E . -27.05 16.43 -1.20
O14 POV E . -29.56 12.90 -5.18
C214 POV E . -12.70 8.87 -9.28
C314 POV E . -13.32 2.44 -6.76
C15 POV E . -29.12 17.01 -2.81
C215 POV E . -11.28 9.46 -9.00
C315 POV E . -13.85 0.98 -6.62
C216 POV E . -10.27 8.32 -8.76
C316 POV E . -13.41 0.15 -7.85
C217 POV E . -8.84 8.88 -8.81
C218 POV E . -7.84 7.71 -8.59
C21 POV E . -26.54 11.33 -9.83
O21 POV E . -27.75 10.97 -9.14
C22 POV E . -25.52 10.26 -10.28
O22 POV E . -26.32 12.46 -10.12
C23 POV E . -24.22 10.45 -9.41
C24 POV E . -23.07 9.52 -9.92
C25 POV E . -21.74 9.98 -9.24
C26 POV E . -20.75 8.77 -9.18
C27 POV E . -19.39 9.23 -9.79
C28 POV E . -18.51 9.85 -8.66
C29 POV E . -17.70 8.71 -8.02
C31 POV E . -26.99 7.69 -7.77
O31 POV E . -27.75 8.71 -7.11
C32 POV E . -25.47 7.53 -7.44
O32 POV E . -27.52 6.99 -8.55
C33 POV E . -24.83 6.44 -8.37
C34 POV E . -23.29 6.32 -8.06
C35 POV E . -23.10 5.32 -6.88
C36 POV E . -21.65 4.68 -6.88
C37 POV E . -20.71 5.64 -6.11
C38 POV E . -19.25 5.32 -6.53
C39 POV E . -18.69 4.20 -5.59
K K F . 2.38 25.96 1.51
CL CL G . 5.55 25.72 0.14
CL CL H . -3.91 23.36 5.50
N POV I . 4.27 -8.09 -7.84
P POV I . 5.51 -4.57 -4.22
C1 POV I . 6.84 -5.46 -2.08
C2 POV I . 7.70 -4.89 -0.91
C3 POV I . 7.66 -3.36 -0.96
C210 POV I . 7.46 -7.77 8.85
C310 POV I . 4.13 -2.31 7.42
C11 POV I . 4.87 -6.26 -6.20
O11 POV I . 6.82 -4.55 -3.15
C211 POV I . 6.33 -6.73 9.01
C311 POV I . 4.01 -0.88 8.11
C12 POV I . 4.25 -7.66 -6.42
O12 POV I . 5.28 -6.12 -4.83
C212 POV I . 5.57 -7.00 10.34
C312 POV I . 2.51 -0.61 8.49
C13 POV I . 3.45 -9.31 -7.99
O13 POV I . 4.26 -4.14 -3.50
C213 POV I . 5.10 -5.64 10.97
C313 POV I . 2.28 -1.00 10.00
C14 POV I . 3.73 -7.05 -8.74
O14 POV I . 5.81 -3.64 -5.38
C214 POV I . 6.26 -4.61 11.08
C314 POV I . 0.73 -1.13 10.26
C15 POV I . 5.64 -8.41 -8.21
C215 POV I . 5.68 -3.17 11.18
C315 POV I . 0.44 -0.93 11.79
C216 POV I . 6.84 -2.16 11.35
C316 POV I . 1.21 -1.98 12.64
C217 POV I . 6.29 -0.74 11.57
C218 POV I . 7.32 0.30 11.07
C21 POV I . 9.33 -6.45 -0.21
O21 POV I . 9.02 -5.32 -1.01
C22 POV I . 10.20 -6.27 1.06
O22 POV I . 8.93 -7.53 -0.52
C23 POV I . 9.30 -5.94 2.30
C24 POV I . 10.21 -5.54 3.52
C25 POV I . 10.62 -6.85 4.28
C26 POV I . 10.48 -6.63 5.83
C27 POV I . 9.06 -6.10 6.15
C28 POV I . 8.86 -6.02 7.70
C29 POV I . 8.63 -7.44 8.25
C31 POV I . 9.45 -1.94 -0.30
O31 POV I . 8.93 -2.84 -1.28
C32 POV I . 9.71 -2.47 1.15
O32 POV I . 9.68 -0.82 -0.59
C33 POV I . 10.15 -1.32 2.12
C34 POV I . 9.75 -1.73 3.60
C35 POV I . 8.18 -1.83 3.71
C36 POV I . 7.75 -2.97 4.70
C37 POV I . 7.82 -2.46 6.15
C38 POV I . 6.45 -1.79 6.54
C39 POV I . 5.62 -2.77 7.42
N POV J . -18.32 -0.60 25.12
P POV J . -13.82 1.23 26.01
C1 POV J . -11.90 1.28 24.18
C2 POV J . -10.88 0.23 23.68
C3 POV J . -9.95 -0.15 24.81
C210 POV J . -7.15 -2.78 11.63
C310 POV J . -3.88 3.68 18.55
C11 POV J . -15.83 -0.37 25.35
O11 POV J . -12.22 0.99 25.53
C211 POV J . -7.49 -2.99 10.14
C311 POV J . -3.52 4.97 17.70
C12 POV J . -17.06 -0.29 24.41
O12 POV J . -14.81 0.52 24.86
C212 POV J . -7.73 -4.51 9.91
C312 POV J . -2.22 5.64 18.24
C13 POV J . -18.54 0.37 26.21
O13 POV J . -14.05 0.57 27.35
C213 POV J . -8.99 -4.71 9.03
C313 POV J . -2.27 7.16 17.88
C14 POV J . -19.45 -0.51 24.17
O14 POV J . -14.11 2.71 26.09
C214 POV J . -8.73 -5.85 8.00
C314 POV J . -0.96 7.89 18.37
C15 POV J . -18.25 -1.95 25.67
C215 POV J . -9.88 -5.86 6.97
C315 POV J . -1.18 9.44 18.33
C216 POV J . -9.36 -6.40 5.63
C316 POV J . -2.16 9.84 19.47
C217 POV J . -10.49 -6.26 4.58
C218 POV J . -9.99 -6.69 3.18
C21 POV J . -10.17 -0.02 21.47
O21 POV J . -10.16 0.78 22.64
C22 POV J . -10.01 0.58 20.06
O22 POV J . -10.28 -1.19 21.57
C23 POV J . -9.45 -0.55 19.13
C24 POV J . -9.13 0.07 17.72
C25 POV J . -8.14 -0.88 16.98
C26 POV J . -8.87 -1.44 15.73
C27 POV J . -8.37 -0.67 14.46
C28 POV J . -7.24 -1.50 13.77
C29 POV J . -7.60 -1.68 12.29
C31 POV J . -8.09 1.30 25.21
O31 POV J . -8.64 0.22 24.45
C32 POV J . -6.69 1.88 24.81
O32 POV J . -8.66 1.75 26.14
C33 POV J . -6.60 3.38 25.27
C34 POV J . -6.99 4.33 24.07
C35 POV J . -6.14 3.97 22.80
C36 POV J . -6.99 4.22 21.52
C37 POV J . -7.08 2.92 20.69
C38 POV J . -5.68 2.66 20.02
C39 POV J . -5.34 3.84 19.06
N POV K . -26.51 2.29 11.05
P POV K . -23.03 2.02 14.76
C1 POV K . -20.62 3.12 14.29
C2 POV K . -19.63 2.72 13.17
C3 POV K . -20.44 2.12 12.03
C210 POV K . -13.08 -3.19 6.04
C310 POV K . -10.92 5.87 6.72
C11 POV K . -25.05 2.43 13.08
O11 POV K . -21.34 1.95 14.68
C211 POV K . -12.26 -1.91 5.78
C311 POV K . -9.60 5.02 6.84
C12 POV K . -25.43 3.06 11.72
O12 POV K . -23.65 2.63 13.35
C212 POV K . -10.73 -2.23 5.77
C312 POV K . -9.81 3.67 6.10
C13 POV K . -27.71 2.26 11.90
O13 POV K . -23.57 0.62 14.98
C213 POV K . -10.02 -0.98 6.38
C313 POV K . -9.29 3.78 4.63
C14 POV K . -26.85 2.95 9.77
O14 POV K . -23.45 2.90 15.93
C214 POV K . -8.59 -0.88 5.82
C314 POV K . -9.15 2.33 4.06
C15 POV K . -26.06 0.92 10.77
C215 POV K . -7.56 -0.96 6.99
C315 POV K . -8.23 2.32 2.81
C216 POV K . -6.15 -0.78 6.42
C316 POV K . -8.95 3.09 1.69
C217 POV K . -6.06 0.60 5.77
C218 POV K . -5.40 0.49 4.38
C21 POV K . -17.54 1.62 12.96
O21 POV K . -18.75 1.79 13.68
C22 POV K . -16.67 0.37 13.19
O22 POV K . -17.18 2.43 12.18
C23 POV K . -16.84 -0.59 11.97
C24 POV K . -15.51 -0.57 11.15
C25 POV K . -15.66 0.41 9.97
C26 POV K . -14.77 -0.11 8.78
C27 POV K . -15.02 -1.63 8.52
C28 POV K . -13.62 -2.31 8.32
C29 POV K . -13.74 -3.38 7.21
C31 POV K . -20.71 3.11 9.89
O31 POV K . -19.84 2.48 10.82
C32 POV K . -20.15 3.64 8.53
O32 POV K . -21.86 3.23 10.14
C33 POV K . -18.66 3.21 8.41
C34 POV K . -17.74 4.50 8.42
C35 POV K . -16.24 4.06 8.45
C36 POV K . -15.38 5.28 7.99
C37 POV K . -13.90 5.03 8.32
C38 POV K . -13.09 6.31 7.94
C39 POV K . -11.57 6.04 8.13
N POV L . -14.56 -10.94 26.25
P POV L . -11.23 -7.55 28.21
C1 POV L . -9.90 -5.24 28.64
C2 POV L . -8.71 -6.01 29.30
C3 POV L . -8.79 -5.85 30.84
C210 POV L . -2.90 -5.97 18.46
C310 POV L . -4.98 -1.95 22.18
C11 POV L . -12.85 -9.32 27.11
O11 POV L . -10.61 -6.05 27.72
C211 POV L . -1.53 -5.28 18.27
C311 POV L . -5.32 -1.14 20.86
C12 POV L . -14.29 -9.51 26.57
O12 POV L . -12.56 -7.93 27.28
C212 POV L . -0.89 -5.77 16.92
C312 POV L . -4.45 -1.70 19.68
C13 POV L . -13.58 -11.47 25.27
O13 POV L . -11.65 -7.50 29.65
C213 POV L . 0.26 -6.78 17.23
C313 POV L . -4.65 -0.82 18.40
C14 POV L . -14.51 -11.73 27.49
O14 POV L . -10.21 -8.64 27.99
C214 POV L . 0.33 -7.89 16.14
C314 POV L . -3.79 -1.38 17.23
C15 POV L . -15.90 -11.04 25.67
C215 POV L . 0.42 -7.23 14.72
C315 POV L . -3.32 -0.20 16.33
C216 POV L . 1.53 -7.93 13.90
C316 POV L . -2.02 -0.60 15.58
C217 POV L . 1.63 -7.31 12.49
C218 POV L . 1.78 -5.77 12.59
C21 POV L . -6.41 -6.42 28.79
O21 POV L . -7.50 -5.51 28.83
C22 POV L . -5.04 -5.97 28.22
O22 POV L . -6.54 -7.54 29.17
C23 POV L . -4.74 -6.77 26.89
C24 POV L . -4.57 -5.79 25.68
C25 POV L . -3.67 -6.51 24.62
C26 POV L . -3.59 -5.69 23.29
C27 POV L . -3.11 -6.67 22.17
C28 POV L . -2.56 -5.85 20.95
C29 POV L . -3.37 -6.23 19.69
C31 POV L . -8.95 -3.68 31.83
O31 POV L . -9.63 -4.77 31.18
C32 POV L . -8.55 -2.41 31.04
O32 POV L . -8.69 -3.77 32.99
C33 POV L . -7.12 -2.58 30.43
C34 POV L . -6.98 -1.68 29.13
C35 POV L . -7.69 -2.36 27.91
C36 POV L . -6.61 -2.91 26.91
C37 POV L . -6.96 -2.45 25.47
C38 POV L . -5.66 -2.34 24.62
C39 POV L . -5.97 -1.54 23.31
K K M . -5.24 -25.60 0.16
CL CL N . -2.53 -26.11 -1.93
CL CL O . -11.05 -21.34 3.38
#